data_5RMA
#
_entry.id   5RMA
#
_cell.length_a   59.144
_cell.length_b   70.211
_cell.length_c   85.599
_cell.angle_alpha   102.820
_cell.angle_beta   96.420
_cell.angle_gamma   112.160
#
_symmetry.space_group_name_H-M   'P 1'
#
loop_
_entity.id
_entity.type
_entity.pdbx_description
1 polymer Helicase
2 non-polymer 'ZINC ION'
3 non-polymer 'PHOSPHATE ION'
4 non-polymer "N-(4-methoxyphenyl)-N'-pyridin-4-ylurea"
5 water water
#
_entity_poly.entity_id   1
_entity_poly.type   'polypeptide(L)'
_entity_poly.pdbx_seq_one_letter_code
;AVGACVLCNSQTSLRCGACIRRPFLCCKCCYDHVISTSHKLVLSVNPYVCNAPGCDVTDVTQLYLGGMSYYCKSHKPPIS
FPLCANGQVFGLYKNTCVGSDNVTDFNAIATCDWTNAGDYILANTCTERLKLFAAETLKATEETFKLSYGIATVREVLSD
RELHLSWEVGKPRPPLNRNYVFTGYRVTKNSKVQIGEYTFEKGDYGDAVVYRGTTTYKLNVGDYFVLTSHTVMPLSAPTL
VPQEHYVRITGLYPTLNISDEFSSNVANYQKVGMQKYSTLQGPPGTGKSHFAIGLALYYPSARIVYTACSHAAVDALCEK
ALKYLPIDKCSRIIPARARVECFDKFKVNSTLEQYVFCTVNALPETTADIVVFDEISMATNYDLSVVNARLRAKHYVYIG
DPAQLPAPRTLLTKGTLEPEYFNSVCRLMKTIGPDMFLGTCRRCPAEIVDTVSALVYDNKLKAHKDKSAQCFKMFYKGVI
THDVSSAINRPQIGVVREFLTRNPAWRKAVFISPYNSQNAVASKILGLPTQTVDSSQGSEYDYVIFTQTTETAHSCNVNR
FNVAITRAKVGILCIMSDRDLYDKLQFTSLEIPRRNVATLQ
;
_entity_poly.pdbx_strand_id   A,B
#
loop_
_chem_comp.id
_chem_comp.type
_chem_comp.name
_chem_comp.formula
JHJ non-polymer N-(4-methoxyphenyl)-N'-pyridin-4-ylurea 'C13 H13 N3 O2'
PO4 non-polymer 'PHOSPHATE ION' 'O4 P -3'
ZN non-polymer 'ZINC ION' 'Zn 2'
#
# COMPACT_ATOMS: atom_id res chain seq x y z
N ALA A 1 14.34 23.65 0.77
CA ALA A 1 15.25 23.55 -0.36
C ALA A 1 16.66 23.17 0.07
N VAL A 2 16.79 22.34 1.10
CA VAL A 2 18.10 21.91 1.59
C VAL A 2 18.31 20.44 1.24
N GLY A 3 19.39 20.16 0.52
CA GLY A 3 19.66 18.79 0.09
C GLY A 3 21.09 18.50 -0.29
N ALA A 4 21.33 17.29 -0.82
CA ALA A 4 22.67 16.87 -1.19
C ALA A 4 22.87 16.75 -2.71
N CYS A 5 24.07 17.14 -3.17
CA CYS A 5 24.50 17.12 -4.57
C CYS A 5 24.47 15.69 -5.09
N VAL A 6 23.86 15.46 -6.27
CA VAL A 6 23.82 14.11 -6.83
C VAL A 6 25.20 13.65 -7.36
N LEU A 7 26.17 14.54 -7.55
CA LEU A 7 27.48 14.17 -8.07
C LEU A 7 28.59 14.05 -7.02
N CYS A 8 28.59 14.92 -6.00
CA CYS A 8 29.64 14.87 -4.98
C CYS A 8 29.11 14.94 -3.53
N ASN A 9 27.78 14.88 -3.33
CA ASN A 9 27.11 14.80 -2.02
C ASN A 9 27.21 16.08 -1.18
N SER A 10 28.03 17.08 -1.61
CA SER A 10 28.19 18.36 -0.91
C SER A 10 26.83 19.05 -0.77
N GLN A 11 26.46 19.47 0.45
CA GLN A 11 25.17 20.11 0.72
C GLN A 11 25.02 21.45 -0.03
N THR A 12 23.78 21.80 -0.47
CA THR A 12 23.48 23.05 -1.18
C THR A 12 21.97 23.39 -1.19
N SER A 13 21.65 24.63 -1.61
CA SER A 13 20.30 25.15 -1.87
C SER A 13 20.01 25.13 -3.39
N LEU A 14 21.04 24.87 -4.26
CA LEU A 14 20.90 24.85 -5.71
C LEU A 14 20.39 23.52 -6.28
N ARG A 15 19.29 23.57 -7.02
CA ARG A 15 18.74 22.45 -7.80
C ARG A 15 18.75 22.93 -9.26
N CYS A 16 19.01 22.02 -10.24
CA CYS A 16 18.90 22.43 -11.62
C CYS A 16 17.44 22.46 -11.97
N GLY A 17 16.97 23.64 -12.33
CA GLY A 17 15.59 23.88 -12.70
C GLY A 17 15.25 23.38 -14.09
N ALA A 18 16.27 23.15 -14.94
CA ALA A 18 16.04 22.65 -16.30
C ALA A 18 16.01 21.09 -16.38
N CYS A 19 16.56 20.41 -15.36
CA CYS A 19 16.49 18.95 -15.25
C CYS A 19 15.07 18.60 -14.85
N ILE A 20 14.45 17.55 -15.46
CA ILE A 20 13.06 17.19 -15.15
C ILE A 20 12.92 16.58 -13.72
N ARG A 21 14.01 16.07 -13.15
CA ARG A 21 13.97 15.57 -11.77
C ARG A 21 14.47 16.63 -10.74
N ARG A 22 14.88 17.85 -11.20
CA ARG A 22 15.42 18.98 -10.40
C ARG A 22 16.46 18.55 -9.36
N PRO A 23 17.52 17.86 -9.80
CA PRO A 23 18.55 17.40 -8.84
C PRO A 23 19.30 18.50 -8.12
N PHE A 24 19.63 18.25 -6.85
CA PHE A 24 20.46 19.17 -6.09
C PHE A 24 21.88 19.07 -6.65
N LEU A 25 22.50 20.21 -7.00
CA LEU A 25 23.86 20.30 -7.52
C LEU A 25 24.59 21.36 -6.71
N CYS A 26 25.77 21.02 -6.18
CA CYS A 26 26.53 21.97 -5.39
C CYS A 26 27.11 23.10 -6.24
N CYS A 27 27.78 24.09 -5.63
CA CYS A 27 28.39 25.20 -6.36
C CYS A 27 29.33 24.75 -7.49
N LYS A 28 30.17 23.73 -7.24
CA LYS A 28 31.11 23.25 -8.26
C LYS A 28 30.44 22.51 -9.41
N CYS A 29 29.60 21.54 -9.10
CA CYS A 29 28.95 20.72 -10.11
C CYS A 29 27.81 21.46 -10.87
N CYS A 30 27.11 22.42 -10.21
CA CYS A 30 26.09 23.25 -10.84
C CYS A 30 26.72 24.06 -11.98
N TYR A 31 27.93 24.61 -11.74
CA TYR A 31 28.68 25.38 -12.73
C TYR A 31 29.04 24.50 -13.91
N ASP A 32 29.69 23.36 -13.66
CA ASP A 32 30.10 22.41 -14.70
C ASP A 32 28.93 21.92 -15.55
N HIS A 33 27.73 21.93 -14.97
CA HIS A 33 26.49 21.56 -15.66
C HIS A 33 25.96 22.73 -16.53
N VAL A 34 25.80 23.93 -15.94
CA VAL A 34 25.22 25.06 -16.66
C VAL A 34 26.11 25.54 -17.79
N ILE A 35 27.45 25.51 -17.63
CA ILE A 35 28.35 25.99 -18.68
C ILE A 35 28.58 24.99 -19.83
N SER A 36 28.21 23.71 -19.64
CA SER A 36 28.40 22.72 -20.70
C SER A 36 27.07 22.23 -21.32
N THR A 37 25.91 22.64 -20.78
CA THR A 37 24.62 22.20 -21.32
C THR A 37 23.70 23.40 -21.66
N SER A 38 22.54 23.14 -22.29
CA SER A 38 21.51 24.15 -22.52
C SER A 38 20.78 24.49 -21.17
N HIS A 39 21.10 23.78 -20.06
CA HIS A 39 20.45 23.99 -18.77
C HIS A 39 21.04 25.20 -18.07
N LYS A 40 20.27 26.31 -18.00
CA LYS A 40 20.78 27.53 -17.37
C LYS A 40 19.91 28.01 -16.21
N LEU A 41 18.75 27.36 -15.95
CA LEU A 41 17.90 27.77 -14.83
C LEU A 41 18.35 27.07 -13.56
N VAL A 42 18.72 27.85 -12.54
CA VAL A 42 19.16 27.35 -11.23
C VAL A 42 18.10 27.76 -10.16
N LEU A 43 17.66 26.81 -9.30
CA LEU A 43 16.62 27.11 -8.29
C LEU A 43 17.12 26.97 -6.86
N SER A 44 16.60 27.81 -5.95
CA SER A 44 16.86 27.83 -4.51
C SER A 44 15.48 28.09 -3.81
N VAL A 45 15.40 28.77 -2.62
CA VAL A 45 14.11 29.15 -1.98
C VAL A 45 13.28 29.96 -3.01
N ASN A 46 14.01 30.88 -3.68
CA ASN A 46 13.70 31.82 -4.74
C ASN A 46 14.58 31.43 -5.95
N PRO A 47 14.02 31.48 -7.18
CA PRO A 47 14.83 31.11 -8.35
C PRO A 47 15.92 32.13 -8.68
N TYR A 48 16.94 31.69 -9.41
CA TYR A 48 18.00 32.59 -9.85
C TYR A 48 17.51 33.21 -11.11
N VAL A 49 16.81 34.33 -10.94
CA VAL A 49 16.15 35.07 -12.00
C VAL A 49 16.30 36.57 -11.72
N CYS A 50 16.27 37.41 -12.78
CA CYS A 50 16.38 38.85 -12.57
C CYS A 50 15.20 39.39 -11.80
N ASN A 51 15.53 39.96 -10.63
CA ASN A 51 14.59 40.54 -9.67
C ASN A 51 13.97 41.84 -10.18
N ALA A 52 14.62 42.53 -11.14
CA ALA A 52 14.14 43.79 -11.69
C ALA A 52 12.76 43.60 -12.31
N PRO A 53 11.81 44.52 -12.02
CA PRO A 53 10.45 44.35 -12.56
C PRO A 53 10.36 44.11 -14.07
N GLY A 54 9.56 43.11 -14.46
CA GLY A 54 9.31 42.80 -15.87
C GLY A 54 10.47 42.26 -16.66
N CYS A 55 11.55 41.83 -16.00
CA CYS A 55 12.71 41.29 -16.71
C CYS A 55 12.64 39.78 -16.81
N ASP A 56 12.96 39.24 -18.00
CA ASP A 56 12.88 37.79 -18.24
C ASP A 56 14.23 37.06 -18.26
N VAL A 57 15.31 37.65 -17.70
CA VAL A 57 16.60 36.96 -17.66
C VAL A 57 16.61 35.87 -16.57
N THR A 58 16.62 34.58 -17.00
CA THR A 58 16.63 33.37 -16.16
C THR A 58 17.95 32.57 -16.25
N ASP A 59 18.84 32.93 -17.21
CA ASP A 59 20.12 32.28 -17.44
C ASP A 59 21.08 32.69 -16.35
N VAL A 60 21.53 31.70 -15.58
CA VAL A 60 22.45 31.88 -14.44
C VAL A 60 23.81 32.51 -14.88
N THR A 61 24.25 32.25 -16.12
CA THR A 61 25.50 32.81 -16.66
C THR A 61 25.40 34.31 -17.03
N GLN A 62 24.16 34.82 -17.16
CA GLN A 62 23.84 36.21 -17.46
C GLN A 62 23.30 36.94 -16.21
N LEU A 63 23.48 36.37 -14.98
CA LEU A 63 22.98 36.94 -13.75
C LEU A 63 24.09 37.20 -12.72
N TYR A 64 23.81 38.13 -11.79
CA TYR A 64 24.72 38.64 -10.76
C TYR A 64 23.98 38.82 -9.43
N LEU A 65 24.71 38.77 -8.30
CA LEU A 65 24.20 39.01 -6.95
C LEU A 65 24.40 40.51 -6.57
N GLY A 66 23.30 41.24 -6.45
CA GLY A 66 23.32 42.64 -6.05
C GLY A 66 22.82 42.80 -4.62
N GLY A 67 23.73 42.57 -3.68
CA GLY A 67 23.44 42.60 -2.26
C GLY A 67 22.93 41.25 -1.78
N MET A 68 21.61 41.08 -1.86
CA MET A 68 20.94 39.82 -1.50
C MET A 68 19.99 39.32 -2.60
N SER A 69 19.76 40.14 -3.66
CA SER A 69 18.91 39.81 -4.81
C SER A 69 19.73 39.46 -6.08
N TYR A 70 19.06 39.06 -7.16
CA TYR A 70 19.73 38.66 -8.38
C TYR A 70 19.26 39.54 -9.51
N TYR A 71 20.18 39.97 -10.38
CA TYR A 71 19.87 40.85 -11.51
C TYR A 71 20.71 40.48 -12.73
N CYS A 72 20.23 40.78 -13.93
CA CYS A 72 21.02 40.55 -15.16
C CYS A 72 22.07 41.69 -15.34
N LYS A 73 22.82 41.65 -16.45
CA LYS A 73 23.82 42.66 -16.81
C LYS A 73 23.17 44.07 -16.97
N SER A 74 21.91 44.13 -17.50
CA SER A 74 21.14 45.36 -17.73
C SER A 74 20.57 46.00 -16.46
N HIS A 75 20.37 45.21 -15.39
CA HIS A 75 19.72 45.72 -14.19
C HIS A 75 20.54 45.69 -12.93
N LYS A 76 21.73 45.11 -12.96
CA LYS A 76 22.55 44.99 -11.75
C LYS A 76 23.06 46.30 -11.19
N PRO A 77 23.17 46.39 -9.85
CA PRO A 77 23.79 47.59 -9.25
C PRO A 77 25.32 47.59 -9.47
N PRO A 78 26.01 48.74 -9.36
CA PRO A 78 27.47 48.73 -9.53
C PRO A 78 28.21 47.71 -8.66
N ILE A 79 27.78 47.55 -7.40
CA ILE A 79 28.39 46.57 -6.50
C ILE A 79 27.64 45.23 -6.61
N SER A 80 28.08 44.42 -7.59
CA SER A 80 27.51 43.11 -7.88
C SER A 80 28.56 42.13 -8.40
N PHE A 81 28.40 40.88 -7.99
CA PHE A 81 29.27 39.75 -8.25
C PHE A 81 28.58 38.79 -9.25
N PRO A 82 29.22 38.30 -10.35
CA PRO A 82 28.53 37.30 -11.19
C PRO A 82 28.19 36.01 -10.43
N LEU A 83 26.97 35.49 -10.62
CA LEU A 83 26.58 34.22 -9.98
C LEU A 83 27.46 33.09 -10.55
N CYS A 84 27.80 33.18 -11.85
CA CYS A 84 28.66 32.23 -12.52
C CYS A 84 30.03 32.74 -12.79
N ALA A 85 30.99 32.29 -11.99
CA ALA A 85 32.40 32.61 -12.24
C ALA A 85 33.30 31.78 -11.34
N ASN A 86 34.54 31.54 -11.80
CA ASN A 86 35.56 30.80 -11.04
C ASN A 86 35.20 29.33 -10.75
N GLY A 87 34.55 28.68 -11.71
CA GLY A 87 34.17 27.28 -11.59
C GLY A 87 33.06 26.99 -10.61
N GLN A 88 32.36 28.04 -10.14
CA GLN A 88 31.28 27.87 -9.19
C GLN A 88 30.10 28.77 -9.49
N VAL A 89 28.91 28.34 -9.02
CA VAL A 89 27.65 29.08 -9.04
C VAL A 89 27.43 29.50 -7.57
N PHE A 90 27.10 30.77 -7.30
CA PHE A 90 26.92 31.24 -5.92
C PHE A 90 25.79 30.51 -5.17
N GLY A 91 26.10 30.06 -3.97
CA GLY A 91 25.16 29.36 -3.10
C GLY A 91 25.75 29.12 -1.72
N LEU A 92 24.94 28.55 -0.82
CA LEU A 92 25.42 28.26 0.53
C LEU A 92 26.35 27.05 0.55
N TYR A 93 27.26 27.02 1.53
CA TYR A 93 28.21 25.91 1.76
C TYR A 93 29.31 25.80 0.67
N LYS A 94 29.53 26.91 -0.07
CA LYS A 94 30.51 27.07 -1.15
C LYS A 94 31.92 26.62 -0.77
N VAL A 103 31.12 14.70 -14.21
CA VAL A 103 29.99 15.58 -14.54
C VAL A 103 29.63 15.49 -16.03
N THR A 104 30.60 15.13 -16.91
CA THR A 104 30.32 14.83 -18.34
C THR A 104 29.20 13.75 -18.46
N ASP A 105 29.24 12.75 -17.57
CA ASP A 105 28.23 11.70 -17.54
C ASP A 105 26.88 12.23 -17.03
N PHE A 106 26.91 13.10 -16.02
CA PHE A 106 25.68 13.70 -15.48
C PHE A 106 24.99 14.54 -16.56
N ASN A 107 25.76 15.32 -17.32
CA ASN A 107 25.24 16.19 -18.39
C ASN A 107 24.50 15.39 -19.44
N ALA A 108 25.11 14.27 -19.87
CA ALA A 108 24.50 13.43 -20.90
C ALA A 108 23.20 12.75 -20.42
N ILE A 109 23.15 12.33 -19.14
CA ILE A 109 21.93 11.74 -18.56
C ILE A 109 20.82 12.79 -18.42
N ALA A 110 21.22 14.00 -17.98
CA ALA A 110 20.32 15.12 -17.77
C ALA A 110 19.69 15.65 -19.06
N THR A 111 20.41 15.56 -20.19
CA THR A 111 19.97 16.14 -21.47
C THR A 111 19.51 15.16 -22.59
N CYS A 112 19.81 13.87 -22.46
CA CYS A 112 19.41 12.89 -23.46
C CYS A 112 17.89 12.68 -23.55
N ASP A 113 17.40 12.20 -24.70
CA ASP A 113 15.96 11.95 -24.86
C ASP A 113 15.57 10.45 -24.64
N TRP A 114 16.55 9.59 -24.31
CA TRP A 114 16.40 8.16 -24.03
C TRP A 114 15.94 7.34 -25.25
N THR A 115 16.19 7.84 -26.48
CA THR A 115 15.83 7.13 -27.70
C THR A 115 17.00 6.32 -28.26
N ASN A 116 18.23 6.54 -27.77
CA ASN A 116 19.43 5.86 -28.24
C ASN A 116 19.88 4.84 -27.23
N ALA A 117 20.50 3.76 -27.69
CA ALA A 117 21.04 2.71 -26.81
C ALA A 117 22.18 3.25 -25.94
N GLY A 118 22.98 4.18 -26.50
CA GLY A 118 24.10 4.83 -25.80
C GLY A 118 23.71 5.53 -24.51
N ASP A 119 22.43 5.96 -24.42
CA ASP A 119 21.87 6.59 -23.23
C ASP A 119 21.73 5.57 -22.08
N TYR A 120 21.32 4.33 -22.45
CA TYR A 120 21.15 3.23 -21.51
C TYR A 120 22.48 2.65 -21.09
N ILE A 121 23.48 2.67 -21.99
CA ILE A 121 24.83 2.21 -21.71
C ILE A 121 25.43 3.07 -20.62
N LEU A 122 25.33 4.39 -20.79
CA LEU A 122 25.79 5.36 -19.83
C LEU A 122 25.07 5.19 -18.49
N ALA A 123 23.72 5.05 -18.50
CA ALA A 123 22.92 4.87 -17.26
C ALA A 123 23.31 3.62 -16.43
N ASN A 124 24.11 2.74 -17.01
CA ASN A 124 24.53 1.48 -16.40
C ASN A 124 26.04 1.39 -16.15
N THR A 125 26.81 2.28 -16.76
CA THR A 125 28.26 2.33 -16.56
C THR A 125 28.69 3.46 -15.61
N CYS A 126 27.77 4.39 -15.30
CA CYS A 126 28.05 5.52 -14.44
C CYS A 126 28.14 5.14 -12.92
N THR A 127 28.47 6.10 -12.06
CA THR A 127 28.52 5.88 -10.61
C THR A 127 27.12 5.53 -10.08
N GLU A 128 27.06 4.96 -8.89
CA GLU A 128 25.79 4.55 -8.28
C GLU A 128 24.74 5.68 -8.14
N ARG A 129 25.15 6.89 -7.67
CA ARG A 129 24.18 7.98 -7.57
C ARG A 129 23.67 8.39 -8.96
N LEU A 130 24.55 8.33 -9.99
CA LEU A 130 24.11 8.65 -11.35
C LEU A 130 23.20 7.58 -11.94
N LYS A 131 23.32 6.31 -11.48
CA LYS A 131 22.45 5.23 -11.92
C LYS A 131 21.02 5.54 -11.43
N LEU A 132 20.87 6.05 -10.19
CA LEU A 132 19.55 6.40 -9.63
C LEU A 132 18.95 7.63 -10.31
N PHE A 133 19.81 8.65 -10.59
CA PHE A 133 19.40 9.88 -11.29
C PHE A 133 18.94 9.48 -12.69
N ALA A 134 19.73 8.66 -13.38
CA ALA A 134 19.39 8.13 -14.69
C ALA A 134 18.08 7.33 -14.70
N ALA A 135 17.86 6.45 -13.70
CA ALA A 135 16.64 5.64 -13.61
C ALA A 135 15.36 6.47 -13.33
N GLU A 136 15.49 7.49 -12.48
CA GLU A 136 14.41 8.40 -12.11
C GLU A 136 14.04 9.25 -13.36
N THR A 137 15.09 9.78 -14.03
CA THR A 137 14.99 10.66 -15.20
C THR A 137 14.31 9.92 -16.34
N LEU A 138 14.80 8.70 -16.63
CA LEU A 138 14.24 7.84 -17.68
C LEU A 138 12.78 7.54 -17.40
N LYS A 139 12.46 7.09 -16.18
CA LYS A 139 11.07 6.74 -15.88
C LYS A 139 10.13 7.93 -16.01
N ALA A 140 10.57 9.13 -15.57
CA ALA A 140 9.75 10.33 -15.70
C ALA A 140 9.60 10.70 -17.18
N THR A 141 10.67 10.55 -17.98
CA THR A 141 10.61 10.83 -19.40
C THR A 141 9.65 9.86 -20.12
N GLU A 142 9.65 8.56 -19.72
CA GLU A 142 8.74 7.55 -20.25
C GLU A 142 7.27 7.88 -19.93
N GLU A 143 6.96 8.39 -18.70
CA GLU A 143 5.59 8.72 -18.28
C GLU A 143 5.03 9.96 -18.98
N THR A 144 5.88 11.01 -19.15
CA THR A 144 5.52 12.24 -19.88
C THR A 144 5.29 11.95 -21.38
N PHE A 145 6.01 10.95 -21.92
CA PHE A 145 5.84 10.55 -23.30
C PHE A 145 4.47 9.90 -23.56
N LYS A 146 3.90 9.24 -22.52
CA LYS A 146 2.58 8.60 -22.57
C LYS A 146 1.48 9.61 -22.91
N LEU A 147 1.63 10.85 -22.43
CA LEU A 147 0.67 11.93 -22.65
C LEU A 147 0.52 12.31 -24.13
N SER A 148 1.57 12.03 -24.95
CA SER A 148 1.63 12.32 -26.41
C SER A 148 0.55 11.59 -27.28
N TYR A 149 0.11 10.41 -26.84
CA TYR A 149 -0.83 9.61 -27.63
C TYR A 149 -2.27 10.17 -27.64
N GLY A 150 -3.11 9.67 -28.56
CA GLY A 150 -4.49 10.09 -28.71
C GLY A 150 -5.51 9.18 -28.05
N ILE A 151 -6.60 9.77 -27.51
CA ILE A 151 -7.69 9.09 -26.82
C ILE A 151 -8.52 8.22 -27.80
N ALA A 152 -9.07 7.07 -27.34
CA ALA A 152 -9.89 6.21 -28.19
C ALA A 152 -11.30 6.09 -27.63
N THR A 153 -12.28 6.69 -28.31
CA THR A 153 -13.67 6.64 -27.86
C THR A 153 -14.43 5.50 -28.56
N VAL A 154 -15.09 4.63 -27.76
CA VAL A 154 -15.87 3.49 -28.28
C VAL A 154 -16.97 3.95 -29.24
N ARG A 155 -16.83 3.59 -30.52
CA ARG A 155 -17.83 3.93 -31.52
C ARG A 155 -18.97 2.91 -31.44
N GLU A 156 -18.64 1.59 -31.40
CA GLU A 156 -19.62 0.50 -31.29
C GLU A 156 -19.07 -0.79 -30.65
N VAL A 157 -19.94 -1.56 -29.98
CA VAL A 157 -19.56 -2.83 -29.34
C VAL A 157 -20.23 -3.96 -30.11
N LEU A 158 -19.47 -5.00 -30.50
CA LEU A 158 -20.00 -6.12 -31.26
C LEU A 158 -20.49 -7.27 -30.35
N SER A 159 -19.57 -7.86 -29.58
CA SER A 159 -19.87 -8.95 -28.67
C SER A 159 -19.20 -8.69 -27.30
N ASP A 160 -19.08 -9.72 -26.45
CA ASP A 160 -18.45 -9.63 -25.13
C ASP A 160 -16.92 -9.48 -25.18
N ARG A 161 -16.30 -9.73 -26.35
CA ARG A 161 -14.85 -9.62 -26.47
C ARG A 161 -14.37 -8.79 -27.67
N GLU A 162 -15.27 -8.24 -28.51
CA GLU A 162 -14.83 -7.44 -29.68
C GLU A 162 -15.57 -6.11 -29.85
N LEU A 163 -14.83 -5.02 -30.17
CA LEU A 163 -15.43 -3.70 -30.39
C LEU A 163 -14.72 -2.89 -31.51
N HIS A 164 -15.26 -1.69 -31.86
CA HIS A 164 -14.68 -0.79 -32.88
C HIS A 164 -14.27 0.56 -32.22
N LEU A 165 -13.06 1.09 -32.53
CA LEU A 165 -12.59 2.33 -31.90
C LEU A 165 -12.45 3.54 -32.82
N SER A 166 -12.73 4.73 -32.26
CA SER A 166 -12.61 6.03 -32.90
C SER A 166 -11.41 6.76 -32.25
N TRP A 167 -10.34 7.04 -33.02
CA TRP A 167 -9.14 7.65 -32.45
C TRP A 167 -9.04 9.15 -32.61
N GLU A 168 -8.38 9.82 -31.64
CA GLU A 168 -8.17 11.27 -31.64
C GLU A 168 -7.28 11.68 -32.81
N VAL A 169 -7.73 12.67 -33.62
CA VAL A 169 -6.98 13.17 -34.78
C VAL A 169 -5.85 14.10 -34.30
N GLY A 170 -4.71 14.06 -34.99
CA GLY A 170 -3.57 14.91 -34.65
C GLY A 170 -2.54 14.27 -33.74
N LYS A 171 -2.99 13.37 -32.83
CA LYS A 171 -2.09 12.68 -31.90
C LYS A 171 -1.87 11.24 -32.36
N PRO A 172 -0.61 10.76 -32.30
CA PRO A 172 -0.35 9.38 -32.74
C PRO A 172 -1.13 8.32 -31.97
N ARG A 173 -1.32 7.16 -32.62
CA ARG A 173 -2.05 6.02 -32.07
C ARG A 173 -1.03 5.02 -31.54
N PRO A 174 -1.08 4.71 -30.24
CA PRO A 174 -0.10 3.77 -29.67
C PRO A 174 -0.27 2.34 -30.17
N PRO A 175 0.82 1.56 -30.23
CA PRO A 175 0.70 0.18 -30.74
C PRO A 175 -0.20 -0.72 -29.90
N LEU A 176 -1.22 -1.31 -30.54
CA LEU A 176 -2.15 -2.19 -29.81
C LEU A 176 -1.61 -3.60 -29.60
N ASN A 177 -1.02 -3.81 -28.42
CA ASN A 177 -0.48 -5.08 -27.98
C ASN A 177 -0.73 -5.24 -26.47
N ARG A 178 -0.52 -6.46 -25.93
CA ARG A 178 -0.68 -6.67 -24.49
C ARG A 178 0.39 -5.92 -23.63
N ASN A 179 1.29 -5.15 -24.30
CA ASN A 179 2.35 -4.36 -23.69
C ASN A 179 1.79 -3.02 -23.20
N TYR A 180 1.01 -2.31 -24.05
CA TYR A 180 0.42 -1.01 -23.71
C TYR A 180 -0.90 -1.21 -22.95
N VAL A 181 -0.99 -0.76 -21.68
CA VAL A 181 -2.20 -0.96 -20.89
C VAL A 181 -2.98 0.35 -20.69
N PHE A 182 -4.20 0.37 -21.20
CA PHE A 182 -5.06 1.54 -21.09
C PHE A 182 -5.85 1.53 -19.79
N THR A 183 -6.40 2.68 -19.42
CA THR A 183 -7.25 2.81 -18.26
C THR A 183 -8.58 3.31 -18.79
N GLY A 184 -9.62 2.55 -18.51
CA GLY A 184 -10.96 2.85 -19.01
C GLY A 184 -11.74 3.83 -18.16
N TYR A 185 -12.55 4.67 -18.83
CA TYR A 185 -13.40 5.70 -18.22
C TYR A 185 -14.71 5.82 -19.00
N GLN A 194 -13.67 5.45 -14.08
CA GLN A 194 -12.57 4.54 -13.74
C GLN A 194 -13.07 3.09 -13.81
N ILE A 195 -13.42 2.62 -15.02
CA ILE A 195 -13.98 1.28 -15.26
C ILE A 195 -12.90 0.17 -15.41
N GLY A 196 -11.78 0.32 -14.72
CA GLY A 196 -10.72 -0.69 -14.71
C GLY A 196 -9.77 -0.62 -15.89
N GLU A 197 -8.58 -1.21 -15.71
CA GLU A 197 -7.58 -1.24 -16.77
C GLU A 197 -8.06 -2.13 -17.92
N TYR A 198 -7.81 -1.71 -19.16
CA TYR A 198 -8.22 -2.48 -20.34
C TYR A 198 -7.02 -2.66 -21.29
N THR A 199 -7.00 -3.77 -22.06
CA THR A 199 -5.93 -4.07 -23.02
C THR A 199 -6.50 -4.40 -24.43
N PHE A 200 -5.74 -4.13 -25.54
CA PHE A 200 -6.23 -4.37 -26.92
C PHE A 200 -5.37 -5.30 -27.82
N GLU A 201 -6.03 -6.02 -28.76
CA GLU A 201 -5.37 -6.95 -29.70
C GLU A 201 -6.04 -6.90 -31.09
N LYS A 202 -5.22 -6.90 -32.16
CA LYS A 202 -5.70 -6.87 -33.54
C LYS A 202 -6.31 -8.21 -33.97
N ASP A 207 -11.92 -3.75 -39.70
CA ASP A 207 -11.80 -2.74 -38.64
C ASP A 207 -12.20 -3.29 -37.25
N ALA A 208 -12.39 -4.61 -37.09
CA ALA A 208 -12.79 -5.21 -35.81
C ALA A 208 -11.62 -5.57 -34.88
N VAL A 209 -11.54 -4.89 -33.71
CA VAL A 209 -10.49 -5.10 -32.70
C VAL A 209 -11.00 -5.95 -31.51
N VAL A 210 -10.08 -6.56 -30.76
CA VAL A 210 -10.44 -7.41 -29.62
C VAL A 210 -10.17 -6.65 -28.28
N TYR A 211 -11.22 -6.42 -27.44
CA TYR A 211 -11.10 -5.68 -26.17
C TYR A 211 -10.98 -6.61 -24.94
N ARG A 212 -10.05 -6.28 -24.02
CA ARG A 212 -9.78 -7.10 -22.83
C ARG A 212 -9.80 -6.32 -21.50
N GLY A 213 -10.95 -6.31 -20.85
CA GLY A 213 -11.12 -5.62 -19.59
C GLY A 213 -10.88 -6.47 -18.37
N THR A 214 -10.13 -5.93 -17.42
CA THR A 214 -9.84 -6.61 -16.17
C THR A 214 -11.13 -6.78 -15.37
N THR A 215 -11.89 -5.69 -15.21
CA THR A 215 -13.17 -5.75 -14.54
C THR A 215 -14.22 -6.02 -15.63
N THR A 216 -14.98 -7.12 -15.52
CA THR A 216 -15.98 -7.44 -16.54
C THR A 216 -17.10 -6.40 -16.53
N TYR A 217 -17.03 -5.46 -17.47
CA TYR A 217 -18.01 -4.39 -17.53
C TYR A 217 -18.59 -4.25 -18.93
N LYS A 218 -19.91 -4.07 -19.01
CA LYS A 218 -20.63 -3.91 -20.28
C LYS A 218 -20.17 -2.65 -20.97
N LEU A 219 -19.24 -2.77 -21.93
CA LEU A 219 -18.63 -1.68 -22.70
C LEU A 219 -19.63 -0.58 -23.12
N ASN A 220 -19.58 0.56 -22.41
CA ASN A 220 -20.47 1.68 -22.68
C ASN A 220 -19.97 2.43 -23.91
N VAL A 221 -20.85 2.65 -24.90
CA VAL A 221 -20.49 3.41 -26.10
C VAL A 221 -20.36 4.89 -25.72
N GLY A 222 -19.28 5.53 -26.11
CA GLY A 222 -19.03 6.92 -25.75
C GLY A 222 -17.94 7.08 -24.72
N ASP A 223 -17.70 6.03 -23.91
CA ASP A 223 -16.64 6.01 -22.91
C ASP A 223 -15.26 6.07 -23.60
N TYR A 224 -14.23 6.48 -22.87
CA TYR A 224 -12.90 6.62 -23.45
C TYR A 224 -11.78 5.87 -22.70
N PHE A 225 -10.68 5.55 -23.41
CA PHE A 225 -9.52 4.89 -22.83
C PHE A 225 -8.28 5.79 -22.98
N VAL A 226 -7.41 5.84 -21.96
CA VAL A 226 -6.17 6.62 -21.96
C VAL A 226 -5.05 5.79 -21.28
N LEU A 227 -3.81 5.83 -21.81
CA LEU A 227 -2.70 5.11 -21.21
C LEU A 227 -2.38 5.62 -19.81
N THR A 228 -2.16 4.67 -18.87
CA THR A 228 -1.90 4.91 -17.45
C THR A 228 -0.60 5.65 -17.13
N SER A 229 -0.67 6.96 -16.98
CA SER A 229 0.50 7.75 -16.63
C SER A 229 0.60 7.92 -15.12
N HIS A 230 1.46 7.11 -14.46
CA HIS A 230 1.68 7.14 -13.01
C HIS A 230 2.84 8.08 -12.65
N THR A 231 2.78 8.69 -11.45
CA THR A 231 3.80 9.60 -10.91
C THR A 231 5.07 8.80 -10.60
N VAL A 232 6.25 9.32 -11.00
CA VAL A 232 7.55 8.67 -10.75
C VAL A 232 8.09 9.15 -9.44
N MET A 233 8.25 8.22 -8.50
CA MET A 233 8.75 8.56 -7.18
C MET A 233 10.27 8.58 -7.15
N PRO A 234 10.86 9.41 -6.28
CA PRO A 234 12.32 9.46 -6.22
C PRO A 234 12.95 8.18 -5.67
N LEU A 235 14.17 7.87 -6.16
CA LEU A 235 14.97 6.72 -5.77
C LEU A 235 15.97 7.17 -4.71
N SER A 236 16.07 6.40 -3.62
CA SER A 236 16.98 6.68 -2.49
C SER A 236 18.00 5.56 -2.32
N ALA A 237 17.53 4.30 -2.33
CA ALA A 237 18.36 3.12 -2.17
C ALA A 237 19.19 2.83 -3.44
N PRO A 238 20.44 2.32 -3.30
CA PRO A 238 21.20 1.96 -4.51
C PRO A 238 20.58 0.78 -5.26
N THR A 239 21.03 0.53 -6.50
CA THR A 239 20.52 -0.61 -7.28
C THR A 239 21.02 -1.92 -6.66
N LEU A 240 22.25 -1.92 -6.16
CA LEU A 240 22.88 -3.01 -5.45
C LEU A 240 23.42 -2.47 -4.14
N VAL A 241 23.12 -3.13 -3.02
CA VAL A 241 23.71 -2.72 -1.74
C VAL A 241 25.25 -2.96 -1.81
N PRO A 242 26.11 -2.34 -0.95
CA PRO A 242 27.55 -2.63 -1.05
C PRO A 242 27.80 -4.10 -0.71
N GLN A 243 28.67 -4.76 -1.49
CA GLN A 243 28.95 -6.17 -1.28
C GLN A 243 29.72 -6.39 0.02
N GLU A 244 29.37 -7.47 0.74
CA GLU A 244 30.03 -7.88 1.96
C GLU A 244 30.30 -9.37 1.86
N HIS A 245 31.55 -9.79 2.04
CA HIS A 245 31.90 -11.19 2.04
C HIS A 245 32.14 -11.61 3.48
N TYR A 246 31.61 -12.76 3.87
CA TYR A 246 31.73 -13.25 5.24
C TYR A 246 32.55 -14.53 5.31
N VAL A 247 33.13 -14.79 6.49
CA VAL A 247 33.94 -15.98 6.74
C VAL A 247 33.07 -17.20 7.08
N ARG A 248 31.89 -16.96 7.67
CA ARG A 248 30.90 -17.96 8.03
C ARG A 248 29.54 -17.56 7.46
N ILE A 249 28.58 -18.53 7.40
CA ILE A 249 27.20 -18.26 6.98
C ILE A 249 26.62 -17.35 8.06
N THR A 250 26.09 -16.21 7.65
CA THR A 250 25.67 -15.17 8.57
C THR A 250 24.15 -15.01 8.69
N GLY A 251 23.63 -15.00 9.92
CA GLY A 251 22.21 -14.80 10.20
C GLY A 251 21.24 -15.85 9.69
N LEU A 252 21.80 -16.94 9.17
CA LEU A 252 21.07 -18.06 8.60
C LEU A 252 21.51 -19.34 9.30
N TYR A 253 20.56 -20.27 9.50
CA TYR A 253 20.84 -21.52 10.21
C TYR A 253 20.52 -22.72 9.31
N PRO A 254 21.57 -23.34 8.72
CA PRO A 254 21.33 -24.44 7.77
C PRO A 254 20.82 -25.76 8.37
N THR A 255 20.17 -26.62 7.55
CA THR A 255 19.79 -27.96 8.03
C THR A 255 20.93 -28.91 7.66
N LEU A 256 21.19 -29.85 8.54
CA LEU A 256 22.15 -30.91 8.28
C LEU A 256 21.44 -32.05 7.50
N ASN A 257 20.11 -32.20 7.75
CA ASN A 257 19.18 -33.07 7.08
C ASN A 257 18.63 -32.22 5.95
N ILE A 258 19.27 -32.27 4.77
CA ILE A 258 18.84 -31.51 3.58
C ILE A 258 18.43 -32.49 2.45
N SER A 259 17.13 -32.47 2.05
CA SER A 259 16.56 -33.34 0.99
C SER A 259 17.49 -33.56 -0.21
N ASP A 260 17.73 -34.84 -0.57
CA ASP A 260 18.62 -35.24 -1.67
C ASP A 260 18.31 -34.54 -2.99
N GLU A 261 17.04 -34.16 -3.18
CA GLU A 261 16.51 -33.43 -4.33
C GLU A 261 17.26 -32.09 -4.53
N PHE A 262 17.58 -31.42 -3.40
CA PHE A 262 18.25 -30.11 -3.29
C PHE A 262 19.74 -30.15 -2.95
N SER A 263 20.32 -31.35 -2.87
CA SER A 263 21.73 -31.55 -2.56
C SER A 263 22.66 -30.92 -3.58
N SER A 264 22.24 -30.87 -4.85
CA SER A 264 23.07 -30.27 -5.91
C SER A 264 23.35 -28.79 -5.63
N ASN A 265 22.44 -28.10 -4.92
CA ASN A 265 22.61 -26.70 -4.66
C ASN A 265 23.16 -26.36 -3.28
N VAL A 266 23.56 -27.36 -2.46
CA VAL A 266 24.07 -27.08 -1.11
C VAL A 266 25.27 -26.11 -1.09
N ALA A 267 26.31 -26.33 -1.95
CA ALA A 267 27.46 -25.42 -1.98
C ALA A 267 27.03 -24.00 -2.38
N ASN A 268 26.09 -23.87 -3.33
CA ASN A 268 25.54 -22.58 -3.77
C ASN A 268 24.74 -21.89 -2.62
N TYR A 269 23.93 -22.64 -1.85
CA TYR A 269 23.16 -22.10 -0.71
C TYR A 269 24.09 -21.59 0.38
N GLN A 270 25.23 -22.26 0.58
CA GLN A 270 26.21 -21.84 1.57
C GLN A 270 26.88 -20.54 1.09
N LYS A 271 27.20 -20.45 -0.23
CA LYS A 271 27.76 -19.24 -0.86
C LYS A 271 26.81 -18.06 -0.63
N VAL A 272 25.47 -18.30 -0.70
CA VAL A 272 24.41 -17.32 -0.44
C VAL A 272 24.49 -16.71 0.99
N GLY A 273 24.67 -17.56 2.00
CA GLY A 273 24.78 -17.11 3.39
C GLY A 273 26.13 -16.50 3.74
N MET A 274 27.13 -16.67 2.87
CA MET A 274 28.49 -16.15 3.08
C MET A 274 28.82 -14.86 2.33
N GLN A 275 27.80 -14.22 1.74
CA GLN A 275 27.89 -12.97 0.96
C GLN A 275 26.62 -12.12 1.25
N LYS A 276 26.70 -10.79 1.13
CA LYS A 276 25.52 -9.92 1.30
C LYS A 276 24.54 -10.18 0.14
N TYR A 277 25.05 -10.20 -1.09
CA TYR A 277 24.23 -10.49 -2.25
C TYR A 277 24.94 -11.49 -3.15
N SER A 278 24.15 -12.27 -3.87
CA SER A 278 24.71 -13.26 -4.81
C SER A 278 23.91 -13.26 -6.12
N THR A 279 24.60 -13.54 -7.23
CA THR A 279 23.96 -13.62 -8.55
C THR A 279 23.94 -15.07 -9.04
N LEU A 280 22.79 -15.49 -9.56
CA LEU A 280 22.63 -16.84 -10.11
C LEU A 280 22.22 -16.75 -11.59
N GLN A 281 23.11 -17.15 -12.53
CA GLN A 281 22.75 -17.26 -13.92
C GLN A 281 22.21 -18.68 -14.14
N GLY A 282 20.93 -18.75 -14.43
CA GLY A 282 20.29 -20.01 -14.74
C GLY A 282 19.72 -20.01 -16.14
N PRO A 283 20.41 -20.61 -17.13
CA PRO A 283 19.81 -20.78 -18.47
C PRO A 283 18.44 -21.47 -18.43
N PRO A 284 17.67 -21.48 -19.53
CA PRO A 284 16.34 -22.12 -19.50
C PRO A 284 16.34 -23.56 -18.97
N GLY A 285 15.43 -23.85 -18.05
CA GLY A 285 15.21 -25.19 -17.51
C GLY A 285 16.35 -25.81 -16.73
N THR A 286 17.24 -24.96 -16.20
CA THR A 286 18.39 -25.42 -15.41
C THR A 286 18.10 -25.53 -13.89
N GLY A 287 16.91 -25.12 -13.46
CA GLY A 287 16.51 -25.22 -12.06
C GLY A 287 16.48 -23.96 -11.23
N LYS A 288 16.20 -22.76 -11.80
CA LYS A 288 16.14 -21.54 -11.03
C LYS A 288 15.07 -21.56 -9.92
N SER A 289 13.82 -21.94 -10.25
CA SER A 289 12.77 -21.94 -9.24
C SER A 289 13.01 -23.03 -8.19
N HIS A 290 13.57 -24.17 -8.61
CA HIS A 290 13.95 -25.28 -7.73
C HIS A 290 15.02 -24.77 -6.75
N PHE A 291 16.00 -24.02 -7.26
CA PHE A 291 17.04 -23.40 -6.45
C PHE A 291 16.42 -22.40 -5.46
N ALA A 292 15.57 -21.50 -5.94
CA ALA A 292 14.92 -20.48 -5.10
C ALA A 292 14.12 -21.12 -3.96
N ILE A 293 13.31 -22.16 -4.22
CA ILE A 293 12.50 -22.80 -3.18
C ILE A 293 13.36 -23.70 -2.27
N GLY A 294 14.39 -24.33 -2.82
CA GLY A 294 15.31 -25.15 -2.05
C GLY A 294 16.14 -24.36 -1.04
N LEU A 295 16.31 -23.08 -1.29
CA LEU A 295 17.01 -22.17 -0.39
C LEU A 295 16.24 -22.07 0.93
N ALA A 296 14.87 -22.11 0.87
CA ALA A 296 13.95 -22.07 2.02
C ALA A 296 14.05 -23.34 2.85
N LEU A 297 14.21 -24.49 2.18
CA LEU A 297 14.37 -25.77 2.84
C LEU A 297 15.79 -25.88 3.46
N TYR A 298 16.80 -25.24 2.83
CA TYR A 298 18.15 -25.27 3.36
C TYR A 298 18.30 -24.39 4.56
N TYR A 299 17.60 -23.24 4.62
CA TYR A 299 17.62 -22.37 5.81
C TYR A 299 16.18 -22.35 6.31
N PRO A 300 15.78 -23.45 6.99
CA PRO A 300 14.35 -23.64 7.33
C PRO A 300 13.66 -22.60 8.20
N SER A 301 14.40 -21.83 9.02
CA SER A 301 13.77 -20.81 9.86
C SER A 301 13.81 -19.38 9.27
N ALA A 302 14.58 -19.20 8.17
CA ALA A 302 14.74 -17.93 7.48
C ALA A 302 13.44 -17.41 6.84
N ARG A 303 13.12 -16.13 7.10
CA ARG A 303 11.97 -15.46 6.50
C ARG A 303 12.43 -15.01 5.09
N ILE A 304 11.76 -15.51 4.04
CA ILE A 304 12.16 -15.20 2.68
C ILE A 304 11.08 -14.45 1.91
N VAL A 305 11.48 -13.33 1.29
CA VAL A 305 10.58 -12.59 0.44
C VAL A 305 11.01 -12.92 -1.00
N TYR A 306 10.09 -13.48 -1.77
CA TYR A 306 10.30 -13.84 -3.16
C TYR A 306 9.64 -12.75 -3.99
N THR A 307 10.45 -12.10 -4.82
CA THR A 307 9.96 -11.00 -5.64
C THR A 307 10.44 -11.12 -7.08
N ALA A 308 9.71 -10.49 -8.00
CA ALA A 308 9.96 -10.40 -9.44
C ALA A 308 9.11 -9.24 -10.01
N CYS A 309 9.43 -8.75 -11.23
CA CYS A 309 8.65 -7.63 -11.78
C CYS A 309 7.24 -8.04 -12.20
N SER A 310 7.09 -9.21 -12.83
CA SER A 310 5.79 -9.66 -13.33
C SER A 310 5.02 -10.58 -12.37
N HIS A 311 3.68 -10.54 -12.48
CA HIS A 311 2.81 -11.44 -11.73
C HIS A 311 3.06 -12.88 -12.15
N ALA A 312 3.39 -13.14 -13.43
CA ALA A 312 3.66 -14.50 -13.92
C ALA A 312 4.93 -15.06 -13.27
N ALA A 313 5.98 -14.24 -13.13
CA ALA A 313 7.21 -14.70 -12.49
C ALA A 313 6.94 -14.99 -11.03
N VAL A 314 6.17 -14.12 -10.34
CA VAL A 314 5.84 -14.34 -8.94
C VAL A 314 5.01 -15.64 -8.76
N ASP A 315 4.03 -15.88 -9.65
CA ASP A 315 3.16 -17.08 -9.67
C ASP A 315 3.91 -18.39 -9.93
N ALA A 316 4.93 -18.35 -10.80
CA ALA A 316 5.75 -19.52 -11.05
C ALA A 316 6.54 -19.90 -9.77
N LEU A 317 6.96 -18.88 -8.96
CA LEU A 317 7.64 -19.16 -7.69
C LEU A 317 6.64 -19.76 -6.66
N CYS A 318 5.38 -19.25 -6.68
CA CYS A 318 4.28 -19.71 -5.83
C CYS A 318 3.98 -21.19 -6.13
N GLU A 319 3.98 -21.58 -7.43
CA GLU A 319 3.70 -22.95 -7.84
C GLU A 319 4.74 -23.92 -7.29
N LYS A 320 6.03 -23.53 -7.35
CA LYS A 320 7.10 -24.35 -6.83
C LYS A 320 7.02 -24.40 -5.29
N ALA A 321 6.70 -23.27 -4.64
CA ALA A 321 6.55 -23.24 -3.18
C ALA A 321 5.40 -24.11 -2.69
N LEU A 322 4.33 -24.20 -3.47
CA LEU A 322 3.17 -25.02 -3.13
C LEU A 322 3.56 -26.50 -2.96
N LYS A 323 4.48 -26.97 -3.82
CA LYS A 323 5.00 -28.32 -3.88
C LYS A 323 6.00 -28.67 -2.73
N TYR A 324 6.72 -27.67 -2.17
CA TYR A 324 7.75 -27.98 -1.18
C TYR A 324 7.66 -27.29 0.17
N LEU A 325 6.97 -26.16 0.24
CA LEU A 325 6.90 -25.37 1.46
C LEU A 325 5.54 -25.43 2.13
N PRO A 326 5.50 -25.38 3.48
CA PRO A 326 4.20 -25.40 4.19
C PRO A 326 3.31 -24.23 3.79
N ILE A 327 2.14 -24.54 3.18
CA ILE A 327 1.16 -23.57 2.66
C ILE A 327 0.69 -22.53 3.70
N ASP A 328 0.64 -22.92 4.98
CA ASP A 328 0.25 -22.04 6.07
C ASP A 328 1.28 -20.94 6.37
N LYS A 329 2.55 -21.11 5.94
CA LYS A 329 3.55 -20.06 6.14
C LYS A 329 3.81 -19.22 4.87
N CYS A 330 3.00 -19.42 3.80
CA CYS A 330 3.08 -18.71 2.54
C CYS A 330 1.97 -17.66 2.41
N SER A 331 2.29 -16.58 1.71
CA SER A 331 1.32 -15.53 1.43
C SER A 331 1.60 -14.84 0.12
N ARG A 332 0.56 -14.70 -0.72
CA ARG A 332 0.67 -14.00 -1.99
C ARG A 332 0.18 -12.53 -1.81
N ILE A 333 1.09 -11.53 -1.92
CA ILE A 333 0.72 -10.12 -1.76
C ILE A 333 0.14 -9.62 -3.09
N ILE A 334 -1.09 -9.14 -3.03
CA ILE A 334 -1.85 -8.68 -4.19
C ILE A 334 -2.28 -7.24 -3.97
N PRO A 335 -1.95 -6.34 -4.93
CA PRO A 335 -2.37 -4.94 -4.78
C PRO A 335 -3.89 -4.81 -4.88
N ALA A 336 -4.48 -3.97 -4.02
CA ALA A 336 -5.93 -3.74 -3.97
C ALA A 336 -6.50 -3.38 -5.35
N ARG A 337 -5.69 -2.71 -6.20
CA ARG A 337 -6.08 -2.41 -7.58
C ARG A 337 -5.69 -3.64 -8.40
N ALA A 338 -6.47 -4.74 -8.22
CA ALA A 338 -6.27 -6.03 -8.86
C ALA A 338 -6.27 -5.93 -10.37
N ARG A 339 -5.08 -5.90 -10.97
CA ARG A 339 -4.89 -5.78 -12.41
C ARG A 339 -5.22 -7.12 -13.13
N VAL A 340 -4.32 -8.12 -13.12
CA VAL A 340 -4.61 -9.42 -13.74
C VAL A 340 -4.80 -10.52 -12.68
N GLU A 341 -5.38 -11.67 -13.10
CA GLU A 341 -5.60 -12.82 -12.25
C GLU A 341 -4.25 -13.45 -11.91
N CYS A 342 -4.04 -13.81 -10.65
CA CYS A 342 -2.80 -14.44 -10.22
C CYS A 342 -3.05 -15.66 -9.25
N PHE A 343 -2.01 -16.12 -8.54
CA PHE A 343 -2.04 -17.26 -7.64
C PHE A 343 -3.01 -17.08 -6.47
N ASP A 344 -4.00 -18.00 -6.36
CA ASP A 344 -5.09 -18.01 -5.36
C ASP A 344 -4.97 -19.06 -4.25
N LYS A 345 -3.86 -19.80 -4.14
CA LYS A 345 -3.77 -20.89 -3.17
C LYS A 345 -3.16 -20.50 -1.82
N PHE A 346 -2.50 -19.34 -1.72
CA PHE A 346 -1.93 -18.89 -0.44
C PHE A 346 -2.86 -17.86 0.22
N LYS A 347 -2.72 -17.62 1.55
CA LYS A 347 -3.52 -16.57 2.21
C LYS A 347 -3.08 -15.22 1.62
N VAL A 348 -4.04 -14.39 1.19
CA VAL A 348 -3.73 -13.14 0.51
C VAL A 348 -3.44 -11.98 1.48
N ASN A 349 -2.37 -11.23 1.18
CA ASN A 349 -1.95 -9.99 1.85
C ASN A 349 -1.54 -10.13 3.32
N SER A 350 -0.93 -11.27 3.66
CA SER A 350 -0.43 -11.46 5.02
C SER A 350 1.08 -11.23 4.96
N THR A 351 1.49 -9.97 5.17
CA THR A 351 2.88 -9.50 5.14
C THR A 351 3.80 -10.23 6.15
N LEU A 352 3.22 -10.66 7.25
CA LEU A 352 3.93 -11.31 8.36
C LEU A 352 4.27 -12.80 8.17
N GLU A 353 3.69 -13.48 7.16
CA GLU A 353 3.98 -14.93 6.94
C GLU A 353 5.47 -15.13 6.60
N GLN A 354 6.04 -16.29 6.96
CA GLN A 354 7.46 -16.61 6.72
C GLN A 354 7.89 -16.47 5.24
N TYR A 355 6.99 -16.87 4.33
CA TYR A 355 7.22 -16.79 2.90
C TYR A 355 6.25 -15.82 2.26
N VAL A 356 6.79 -14.76 1.67
CA VAL A 356 5.99 -13.72 1.06
C VAL A 356 6.33 -13.64 -0.42
N PHE A 357 5.33 -13.80 -1.27
CA PHE A 357 5.52 -13.77 -2.72
C PHE A 357 4.79 -12.52 -3.19
N CYS A 358 5.52 -11.61 -3.84
CA CYS A 358 4.98 -10.31 -4.20
C CYS A 358 5.76 -9.67 -5.37
N THR A 359 5.03 -9.00 -6.31
CA THR A 359 5.68 -8.28 -7.40
C THR A 359 6.45 -7.03 -6.83
N VAL A 360 7.49 -6.54 -7.54
CA VAL A 360 8.28 -5.40 -7.06
C VAL A 360 7.42 -4.15 -6.70
N ASN A 361 6.40 -3.75 -7.54
CA ASN A 361 5.58 -2.56 -7.23
C ASN A 361 4.64 -2.70 -6.04
N ALA A 362 4.28 -3.94 -5.66
CA ALA A 362 3.36 -4.15 -4.52
C ALA A 362 4.07 -4.44 -3.19
N LEU A 363 5.42 -4.48 -3.18
CA LEU A 363 6.21 -4.79 -1.99
C LEU A 363 5.88 -3.90 -0.82
N PRO A 364 5.56 -4.51 0.33
CA PRO A 364 5.38 -3.70 1.54
C PRO A 364 6.73 -3.28 2.15
N GLU A 365 6.68 -2.36 3.12
CA GLU A 365 7.90 -1.95 3.81
C GLU A 365 8.14 -2.98 4.87
N THR A 366 9.11 -3.88 4.63
CA THR A 366 9.38 -4.97 5.55
C THR A 366 10.89 -5.40 5.53
N THR A 367 11.24 -6.32 6.43
CA THR A 367 12.56 -6.90 6.51
C THR A 367 12.44 -8.41 6.22
N ALA A 368 13.58 -9.06 5.95
CA ALA A 368 13.67 -10.49 5.66
C ALA A 368 15.09 -11.01 5.92
N ASP A 369 15.25 -12.32 6.12
CA ASP A 369 16.57 -12.92 6.25
C ASP A 369 17.18 -13.08 4.84
N ILE A 370 16.34 -13.42 3.85
CA ILE A 370 16.73 -13.55 2.45
C ILE A 370 15.66 -12.90 1.57
N VAL A 371 16.12 -12.17 0.58
CA VAL A 371 15.26 -11.62 -0.44
C VAL A 371 15.71 -12.33 -1.73
N VAL A 372 14.78 -12.99 -2.44
CA VAL A 372 15.11 -13.65 -3.69
C VAL A 372 14.42 -12.80 -4.77
N PHE A 373 15.20 -12.22 -5.70
CA PHE A 373 14.64 -11.41 -6.77
C PHE A 373 14.87 -12.23 -8.04
N ASP A 374 13.78 -12.78 -8.60
CA ASP A 374 13.80 -13.66 -9.78
C ASP A 374 13.56 -12.88 -11.10
N GLU A 375 13.89 -13.54 -12.24
CA GLU A 375 13.78 -13.04 -13.61
C GLU A 375 14.49 -11.67 -13.72
N ILE A 376 15.75 -11.63 -13.23
CA ILE A 376 16.58 -10.45 -13.12
C ILE A 376 16.85 -9.77 -14.48
N SER A 377 16.83 -10.49 -15.61
CA SER A 377 17.00 -9.84 -16.92
C SER A 377 15.85 -8.84 -17.20
N MET A 378 14.65 -9.06 -16.62
CA MET A 378 13.47 -8.20 -16.77
C MET A 378 13.45 -6.98 -15.84
N ALA A 379 14.33 -6.94 -14.86
CA ALA A 379 14.40 -5.81 -13.95
C ALA A 379 15.09 -4.63 -14.61
N THR A 380 14.67 -3.44 -14.21
CA THR A 380 15.32 -2.19 -14.58
C THR A 380 16.08 -1.72 -13.33
N ASN A 381 16.96 -0.72 -13.47
CA ASN A 381 17.63 -0.16 -12.30
C ASN A 381 16.65 0.51 -11.35
N TYR A 382 15.52 1.03 -11.88
CA TYR A 382 14.44 1.60 -11.06
C TYR A 382 13.90 0.51 -10.09
N ASP A 383 13.61 -0.71 -10.62
CA ASP A 383 13.16 -1.89 -9.86
C ASP A 383 14.21 -2.34 -8.82
N LEU A 384 15.50 -2.42 -9.22
CA LEU A 384 16.60 -2.80 -8.34
C LEU A 384 16.65 -1.88 -7.12
N SER A 385 16.47 -0.58 -7.35
CA SER A 385 16.47 0.44 -6.30
C SER A 385 15.22 0.35 -5.39
N VAL A 386 14.01 0.16 -5.97
CA VAL A 386 12.76 0.02 -5.22
C VAL A 386 12.85 -1.15 -4.23
N VAL A 387 13.36 -2.31 -4.68
CA VAL A 387 13.52 -3.48 -3.82
C VAL A 387 14.44 -3.15 -2.64
N ASN A 388 15.59 -2.49 -2.91
CA ASN A 388 16.50 -2.11 -1.84
C ASN A 388 15.87 -1.09 -0.86
N ALA A 389 14.91 -0.28 -1.33
CA ALA A 389 14.24 0.70 -0.49
C ALA A 389 13.10 0.11 0.36
N ARG A 390 12.39 -0.93 -0.12
CA ARG A 390 11.25 -1.49 0.65
C ARG A 390 11.63 -2.76 1.47
N LEU A 391 12.71 -3.43 1.09
CA LEU A 391 13.16 -4.63 1.78
C LEU A 391 14.56 -4.49 2.36
N ARG A 392 14.68 -4.61 3.68
CA ARG A 392 15.99 -4.61 4.35
C ARG A 392 16.28 -6.05 4.75
N ALA A 393 17.22 -6.69 4.04
CA ALA A 393 17.54 -8.10 4.25
C ALA A 393 18.99 -8.42 4.63
N LYS A 394 19.20 -9.57 5.31
CA LYS A 394 20.56 -10.01 5.62
C LYS A 394 21.26 -10.47 4.31
N HIS A 395 20.47 -11.06 3.37
CA HIS A 395 20.97 -11.59 2.09
C HIS A 395 20.03 -11.31 0.95
N TYR A 396 20.59 -11.07 -0.24
CA TYR A 396 19.80 -10.81 -1.44
C TYR A 396 20.32 -11.74 -2.51
N VAL A 397 19.41 -12.49 -3.17
CA VAL A 397 19.82 -13.39 -4.25
C VAL A 397 19.13 -12.95 -5.51
N TYR A 398 19.91 -12.71 -6.57
CA TYR A 398 19.39 -12.24 -7.85
C TYR A 398 19.46 -13.39 -8.80
N ILE A 399 18.30 -13.89 -9.21
CA ILE A 399 18.22 -15.02 -10.12
C ILE A 399 17.65 -14.62 -11.50
N GLY A 400 18.31 -15.06 -12.55
CA GLY A 400 17.86 -14.81 -13.90
C GLY A 400 18.87 -15.26 -14.90
N ASP A 401 18.83 -14.63 -16.07
CA ASP A 401 19.73 -14.99 -17.15
C ASP A 401 19.91 -13.81 -18.11
N PRO A 402 21.14 -13.24 -18.21
CA PRO A 402 21.33 -12.13 -19.14
C PRO A 402 21.23 -12.53 -20.62
N ALA A 403 21.15 -13.85 -20.93
CA ALA A 403 20.92 -14.35 -22.30
C ALA A 403 19.39 -14.46 -22.61
N GLN A 404 18.54 -14.04 -21.68
CA GLN A 404 17.11 -14.00 -21.89
C GLN A 404 16.63 -12.53 -22.08
N LEU A 405 15.32 -12.33 -22.24
CA LEU A 405 14.77 -11.02 -22.56
C LEU A 405 14.77 -9.94 -21.45
N PRO A 406 15.10 -8.70 -21.84
CA PRO A 406 15.03 -7.59 -20.89
C PRO A 406 13.64 -6.92 -20.88
N ALA A 407 13.44 -5.97 -19.95
CA ALA A 407 12.22 -5.19 -19.92
C ALA A 407 12.15 -4.31 -21.19
N PRO A 408 10.96 -4.16 -21.77
CA PRO A 408 10.86 -3.30 -22.98
C PRO A 408 11.18 -1.84 -22.64
N ARG A 409 12.00 -1.21 -23.47
CA ARG A 409 12.34 0.20 -23.29
C ARG A 409 11.55 0.96 -24.34
N THR A 410 10.35 1.42 -23.96
CA THR A 410 9.43 2.08 -24.86
C THR A 410 10.02 3.27 -25.61
N LEU A 411 10.94 4.03 -25.01
CA LEU A 411 11.53 5.17 -25.70
C LEU A 411 12.67 4.80 -26.63
N LEU A 412 13.36 3.68 -26.38
CA LEU A 412 14.50 3.25 -27.18
C LEU A 412 14.11 2.80 -28.59
N THR A 413 14.62 3.55 -29.60
CA THR A 413 14.35 3.27 -31.00
C THR A 413 15.61 3.15 -31.83
N LYS A 414 16.74 3.67 -31.36
CA LYS A 414 17.98 3.60 -32.13
C LYS A 414 19.07 2.83 -31.41
N GLY A 415 19.57 1.79 -32.03
CA GLY A 415 20.62 0.97 -31.45
C GLY A 415 20.07 -0.21 -30.68
N THR A 416 20.95 -1.16 -30.39
CA THR A 416 20.53 -2.35 -29.64
C THR A 416 21.14 -2.34 -28.24
N LEU A 417 20.31 -2.64 -27.24
CA LEU A 417 20.74 -2.71 -25.85
C LEU A 417 21.34 -4.07 -25.51
N GLU A 418 22.67 -4.17 -25.35
CA GLU A 418 23.35 -5.41 -24.99
C GLU A 418 23.03 -5.88 -23.56
N PRO A 419 23.06 -7.22 -23.29
CA PRO A 419 22.75 -7.74 -21.93
C PRO A 419 23.50 -7.11 -20.75
N GLU A 420 24.78 -6.77 -20.93
CA GLU A 420 25.54 -6.09 -19.88
C GLU A 420 24.99 -4.71 -19.52
N TYR A 421 24.00 -4.21 -20.24
CA TYR A 421 23.40 -2.91 -19.96
C TYR A 421 21.93 -3.01 -19.50
N PHE A 422 21.39 -4.23 -19.25
CA PHE A 422 20.00 -4.39 -18.86
C PHE A 422 19.74 -3.75 -17.50
N ASN A 423 20.65 -4.00 -16.56
CA ASN A 423 20.60 -3.46 -15.20
C ASN A 423 21.96 -3.74 -14.53
N SER A 424 22.16 -3.29 -13.26
CA SER A 424 23.42 -3.48 -12.53
C SER A 424 23.76 -4.95 -12.32
N VAL A 425 22.73 -5.79 -12.06
CA VAL A 425 22.93 -7.22 -11.83
C VAL A 425 23.42 -7.88 -13.11
N CYS A 426 22.77 -7.59 -14.26
CA CYS A 426 23.18 -8.14 -15.54
C CYS A 426 24.54 -7.66 -15.95
N ARG A 427 24.86 -6.40 -15.65
CA ARG A 427 26.19 -5.86 -15.90
C ARG A 427 27.24 -6.70 -15.14
N LEU A 428 27.03 -6.96 -13.83
CA LEU A 428 27.94 -7.81 -13.06
C LEU A 428 28.07 -9.21 -13.68
N MET A 429 26.94 -9.88 -13.99
CA MET A 429 26.96 -11.23 -14.58
C MET A 429 27.71 -11.29 -15.90
N LYS A 430 27.64 -10.22 -16.69
CA LYS A 430 28.30 -10.19 -17.98
C LYS A 430 29.77 -9.73 -17.94
N THR A 431 30.19 -9.06 -16.86
CA THR A 431 31.58 -8.55 -16.77
C THR A 431 32.47 -9.44 -15.87
N ILE A 432 32.11 -9.59 -14.59
CA ILE A 432 32.88 -10.42 -13.65
C ILE A 432 32.35 -11.88 -13.54
N GLY A 433 31.24 -12.18 -14.24
CA GLY A 433 30.61 -13.48 -14.19
C GLY A 433 29.63 -13.57 -13.04
N PRO A 434 28.69 -14.51 -13.16
CA PRO A 434 27.74 -14.70 -12.05
C PRO A 434 28.43 -15.46 -10.91
N ASP A 435 27.92 -15.29 -9.70
CA ASP A 435 28.47 -16.02 -8.54
C ASP A 435 28.21 -17.53 -8.70
N MET A 436 27.03 -17.88 -9.23
CA MET A 436 26.63 -19.26 -9.42
C MET A 436 26.01 -19.44 -10.82
N PHE A 437 26.30 -20.57 -11.47
CA PHE A 437 25.81 -20.89 -12.82
C PHE A 437 25.19 -22.30 -12.83
N LEU A 438 23.91 -22.41 -13.24
CA LEU A 438 23.26 -23.72 -13.36
C LEU A 438 23.58 -24.25 -14.77
N GLY A 439 24.49 -25.20 -14.85
CA GLY A 439 25.03 -25.66 -16.13
C GLY A 439 24.33 -26.76 -16.88
N THR A 440 23.27 -27.36 -16.32
CA THR A 440 22.61 -28.47 -17.01
C THR A 440 21.15 -28.18 -17.27
N CYS A 441 20.78 -28.11 -18.55
CA CYS A 441 19.39 -27.88 -18.93
C CYS A 441 18.62 -29.21 -18.83
N ARG A 442 17.60 -29.29 -17.99
CA ARG A 442 16.79 -30.51 -17.83
C ARG A 442 15.51 -30.52 -18.70
N ARG A 443 15.15 -29.36 -19.28
CA ARG A 443 13.91 -29.25 -20.05
C ARG A 443 13.98 -29.70 -21.51
N CYS A 444 14.96 -29.18 -22.25
CA CYS A 444 14.98 -29.26 -23.69
C CYS A 444 15.67 -30.47 -24.30
N PRO A 445 15.16 -30.92 -25.49
CA PRO A 445 15.89 -31.95 -26.25
C PRO A 445 17.32 -31.45 -26.54
N ALA A 446 18.29 -32.37 -26.65
CA ALA A 446 19.68 -31.96 -26.87
C ALA A 446 19.92 -31.04 -28.08
N GLU A 447 19.12 -31.15 -29.16
CA GLU A 447 19.27 -30.30 -30.35
C GLU A 447 19.18 -28.81 -29.97
N ILE A 448 18.21 -28.46 -29.12
CA ILE A 448 17.98 -27.12 -28.64
C ILE A 448 19.06 -26.67 -27.68
N VAL A 449 19.43 -27.55 -26.74
CA VAL A 449 20.47 -27.26 -25.76
C VAL A 449 21.80 -26.94 -26.45
N ASP A 450 22.19 -27.77 -27.42
CA ASP A 450 23.43 -27.61 -28.17
C ASP A 450 23.45 -26.32 -28.97
N THR A 451 22.28 -25.97 -29.57
CA THR A 451 22.13 -24.73 -30.34
C THR A 451 22.34 -23.46 -29.46
N VAL A 452 21.57 -23.32 -28.34
CA VAL A 452 21.66 -22.15 -27.49
C VAL A 452 22.96 -22.12 -26.68
N SER A 453 23.50 -23.29 -26.31
CA SER A 453 24.78 -23.38 -25.59
C SER A 453 25.88 -22.69 -26.39
N ALA A 454 25.96 -22.99 -27.72
CA ALA A 454 26.92 -22.38 -28.62
C ALA A 454 26.58 -20.88 -28.93
N LEU A 455 25.29 -20.58 -29.12
CA LEU A 455 24.80 -19.25 -29.46
C LEU A 455 25.03 -18.20 -28.36
N VAL A 456 24.60 -18.45 -27.10
CA VAL A 456 24.68 -17.44 -26.04
C VAL A 456 25.40 -17.86 -24.75
N TYR A 457 25.77 -19.14 -24.58
CA TYR A 457 26.36 -19.60 -23.31
C TYR A 457 27.82 -20.02 -23.39
N ASP A 458 28.57 -19.62 -24.43
CA ASP A 458 29.98 -19.99 -24.63
C ASP A 458 30.27 -21.50 -24.51
N ASN A 459 29.31 -22.34 -24.91
CA ASN A 459 29.41 -23.81 -24.88
C ASN A 459 29.46 -24.39 -23.48
N LYS A 460 28.90 -23.69 -22.48
CA LYS A 460 28.88 -24.13 -21.09
C LYS A 460 27.56 -24.76 -20.65
N LEU A 461 26.52 -24.68 -21.49
CA LEU A 461 25.25 -25.27 -21.15
C LEU A 461 25.25 -26.73 -21.68
N LYS A 462 24.95 -27.69 -20.80
CA LYS A 462 24.94 -29.10 -21.17
C LYS A 462 23.52 -29.68 -21.19
N ALA A 463 23.27 -30.67 -22.07
CA ALA A 463 21.92 -31.26 -22.16
C ALA A 463 21.75 -32.44 -21.21
N HIS A 464 20.64 -32.49 -20.48
CA HIS A 464 20.31 -33.63 -19.63
C HIS A 464 19.60 -34.65 -20.57
N LYS A 465 18.60 -34.19 -21.35
CA LYS A 465 17.87 -35.01 -22.27
C LYS A 465 18.74 -35.38 -23.45
N ASP A 466 18.37 -36.49 -24.12
CA ASP A 466 19.01 -36.92 -25.36
C ASP A 466 18.41 -36.02 -26.49
N LYS A 467 18.91 -36.16 -27.74
CA LYS A 467 18.27 -35.53 -28.88
C LYS A 467 16.86 -36.20 -29.02
N SER A 468 15.81 -35.39 -29.20
CA SER A 468 14.46 -35.91 -29.31
C SER A 468 14.14 -36.44 -30.72
N ALA A 469 14.89 -35.96 -31.75
CA ALA A 469 14.65 -36.22 -33.18
C ALA A 469 13.27 -35.68 -33.63
N GLN A 470 12.72 -34.72 -32.86
CA GLN A 470 11.48 -34.00 -33.11
C GLN A 470 11.75 -32.46 -33.16
N CYS A 471 12.97 -32.05 -33.58
CA CYS A 471 13.36 -30.64 -33.68
C CYS A 471 13.64 -30.41 -35.13
N PHE A 472 12.78 -29.63 -35.78
CA PHE A 472 12.89 -29.40 -37.21
C PHE A 472 13.03 -27.92 -37.56
N LYS A 473 13.67 -27.65 -38.70
CA LYS A 473 13.85 -26.31 -39.17
C LYS A 473 13.51 -26.23 -40.66
N MET A 474 12.93 -25.10 -41.08
CA MET A 474 12.63 -24.90 -42.49
C MET A 474 12.98 -23.48 -42.85
N PHE A 475 13.73 -23.30 -43.92
CA PHE A 475 14.11 -21.98 -44.37
C PHE A 475 13.05 -21.51 -45.37
N TYR A 476 12.18 -20.61 -44.94
CA TYR A 476 11.08 -20.14 -45.78
C TYR A 476 10.75 -18.66 -45.55
N LYS A 477 11.22 -17.78 -46.43
CA LYS A 477 11.03 -16.34 -46.25
C LYS A 477 9.56 -15.90 -46.36
N GLY A 478 8.77 -16.60 -47.17
CA GLY A 478 7.35 -16.29 -47.32
C GLY A 478 7.13 -14.89 -47.85
N VAL A 479 6.10 -14.20 -47.32
CA VAL A 479 5.71 -12.86 -47.73
C VAL A 479 5.40 -12.11 -46.46
N ILE A 480 5.98 -10.89 -46.32
CA ILE A 480 5.79 -10.12 -45.10
C ILE A 480 4.83 -8.99 -45.30
N THR A 481 3.70 -9.08 -44.65
CA THR A 481 2.74 -8.00 -44.67
C THR A 481 2.83 -7.33 -43.29
N HIS A 482 2.23 -6.15 -43.14
CA HIS A 482 2.30 -5.43 -41.87
C HIS A 482 0.96 -4.86 -41.44
N ASP A 483 0.62 -5.04 -40.17
CA ASP A 483 -0.56 -4.49 -39.51
C ASP A 483 0.04 -3.33 -38.75
N VAL A 484 0.11 -2.16 -39.40
CA VAL A 484 0.75 -0.94 -38.90
C VAL A 484 2.29 -1.20 -38.96
N SER A 485 2.91 -1.63 -37.86
CA SER A 485 4.31 -1.99 -37.83
C SER A 485 4.47 -3.49 -37.51
N SER A 486 3.51 -4.08 -36.71
CA SER A 486 3.50 -5.48 -36.35
C SER A 486 3.41 -6.33 -37.64
N ALA A 487 4.22 -7.36 -37.74
CA ALA A 487 4.37 -8.12 -38.95
C ALA A 487 3.58 -9.45 -39.01
N ILE A 488 3.27 -9.87 -40.22
CA ILE A 488 2.53 -11.08 -40.52
C ILE A 488 3.21 -11.78 -41.67
N ASN A 489 3.28 -13.11 -41.62
CA ASN A 489 3.78 -13.97 -42.68
C ASN A 489 2.77 -15.12 -42.87
N ARG A 490 1.78 -14.87 -43.73
CA ARG A 490 0.78 -15.88 -44.04
C ARG A 490 1.40 -17.13 -44.72
N PRO A 491 2.32 -17.01 -45.72
CA PRO A 491 2.94 -18.23 -46.26
C PRO A 491 3.66 -19.10 -45.20
N GLN A 492 4.23 -18.47 -44.12
CA GLN A 492 4.87 -19.23 -43.04
C GLN A 492 3.83 -19.99 -42.23
N ILE A 493 2.66 -19.37 -42.00
CA ILE A 493 1.54 -20.05 -41.33
C ILE A 493 0.97 -21.21 -42.24
N GLY A 494 1.01 -21.02 -43.56
CA GLY A 494 0.57 -21.99 -44.55
C GLY A 494 1.46 -23.22 -44.53
N VAL A 495 2.78 -23.02 -44.42
CA VAL A 495 3.75 -24.10 -44.29
C VAL A 495 3.45 -24.92 -42.98
N VAL A 496 3.13 -24.23 -41.88
CA VAL A 496 2.78 -24.84 -40.61
C VAL A 496 1.51 -25.68 -40.74
N ARG A 497 0.49 -25.14 -41.39
CA ARG A 497 -0.77 -25.82 -41.65
C ARG A 497 -0.54 -27.16 -42.40
N GLU A 498 0.32 -27.13 -43.44
CA GLU A 498 0.67 -28.30 -44.21
C GLU A 498 1.42 -29.34 -43.35
N PHE A 499 2.35 -28.86 -42.53
CA PHE A 499 3.11 -29.71 -41.62
C PHE A 499 2.17 -30.40 -40.60
N LEU A 500 1.18 -29.65 -40.04
CA LEU A 500 0.25 -30.20 -39.07
C LEU A 500 -0.58 -31.39 -39.58
N THR A 501 -0.97 -31.34 -40.88
CA THR A 501 -1.74 -32.43 -41.49
C THR A 501 -0.91 -33.74 -41.50
N ARG A 502 0.40 -33.61 -41.74
CA ARG A 502 1.30 -34.75 -41.80
C ARG A 502 1.91 -35.15 -40.46
N ASN A 503 1.71 -34.35 -39.41
CA ASN A 503 2.29 -34.56 -38.09
C ASN A 503 1.24 -34.29 -37.01
N PRO A 504 0.18 -35.13 -36.97
CA PRO A 504 -0.93 -34.92 -36.03
C PRO A 504 -0.59 -34.82 -34.56
N ALA A 505 0.54 -35.39 -34.09
CA ALA A 505 0.92 -35.23 -32.67
C ALA A 505 1.11 -33.74 -32.33
N TRP A 506 1.55 -32.95 -33.33
CA TRP A 506 1.80 -31.52 -33.18
C TRP A 506 0.55 -30.68 -33.03
N ARG A 507 -0.66 -31.32 -33.10
CA ARG A 507 -1.97 -30.69 -32.89
C ARG A 507 -2.01 -29.95 -31.53
N LYS A 508 -1.20 -30.41 -30.57
CA LYS A 508 -1.14 -29.87 -29.21
C LYS A 508 0.00 -28.81 -29.05
N ALA A 509 0.68 -28.40 -30.13
CA ALA A 509 1.77 -27.43 -30.07
C ALA A 509 1.30 -26.02 -29.75
N VAL A 510 2.18 -25.23 -29.12
CA VAL A 510 1.94 -23.84 -28.86
C VAL A 510 2.61 -23.12 -30.00
N PHE A 511 1.89 -22.22 -30.66
CA PHE A 511 2.40 -21.39 -31.77
C PHE A 511 3.10 -20.17 -31.16
N ILE A 512 4.37 -19.94 -31.54
CA ILE A 512 5.15 -18.81 -31.05
C ILE A 512 5.74 -18.03 -32.22
N SER A 513 5.74 -16.71 -32.10
CA SER A 513 6.36 -15.82 -33.08
C SER A 513 6.79 -14.50 -32.38
N PRO A 514 7.66 -13.69 -33.01
CA PRO A 514 8.03 -12.41 -32.40
C PRO A 514 6.91 -11.34 -32.49
N TYR A 515 5.77 -11.61 -33.19
CA TYR A 515 4.73 -10.57 -33.40
C TYR A 515 3.31 -10.96 -33.00
N ASN A 516 2.60 -10.08 -32.26
CA ASN A 516 1.21 -10.33 -31.90
C ASN A 516 0.30 -10.47 -33.13
N SER A 517 0.59 -9.74 -34.24
CA SER A 517 -0.25 -9.82 -35.41
C SER A 517 -0.09 -11.14 -36.15
N GLN A 518 1.15 -11.68 -36.22
CA GLN A 518 1.41 -13.01 -36.76
C GLN A 518 0.62 -14.07 -35.96
N ASN A 519 0.64 -13.93 -34.62
CA ASN A 519 -0.05 -14.80 -33.67
C ASN A 519 -1.56 -14.74 -33.81
N ALA A 520 -2.13 -13.56 -34.09
CA ALA A 520 -3.57 -13.41 -34.27
C ALA A 520 -4.01 -14.14 -35.55
N VAL A 521 -3.20 -14.03 -36.62
CA VAL A 521 -3.47 -14.73 -37.87
C VAL A 521 -3.34 -16.27 -37.68
N ALA A 522 -2.25 -16.71 -37.01
CA ALA A 522 -2.04 -18.12 -36.73
C ALA A 522 -3.15 -18.71 -35.88
N SER A 523 -3.69 -17.92 -34.94
CA SER A 523 -4.77 -18.39 -34.06
C SER A 523 -6.01 -18.78 -34.87
N LYS A 524 -6.39 -17.92 -35.83
CA LYS A 524 -7.56 -18.14 -36.65
C LYS A 524 -7.32 -19.26 -37.72
N ILE A 525 -6.15 -19.31 -38.34
CA ILE A 525 -5.87 -20.33 -39.36
C ILE A 525 -5.52 -21.74 -38.79
N LEU A 526 -4.75 -21.79 -37.72
CA LEU A 526 -4.30 -23.05 -37.14
C LEU A 526 -5.11 -23.52 -35.95
N GLY A 527 -5.66 -22.59 -35.18
CA GLY A 527 -6.39 -22.91 -33.97
C GLY A 527 -5.52 -23.29 -32.78
N LEU A 528 -4.18 -23.25 -32.96
CA LEU A 528 -3.23 -23.54 -31.87
C LEU A 528 -3.26 -22.40 -30.87
N PRO A 529 -2.99 -22.68 -29.57
CA PRO A 529 -2.79 -21.57 -28.63
C PRO A 529 -1.53 -20.81 -29.09
N THR A 530 -1.55 -19.53 -28.82
CA THR A 530 -0.58 -18.60 -29.32
C THR A 530 0.16 -17.89 -28.17
N GLN A 531 1.42 -17.53 -28.40
CA GLN A 531 2.27 -16.82 -27.44
C GLN A 531 3.33 -16.00 -28.20
N THR A 532 3.63 -14.77 -27.76
CA THR A 532 4.76 -14.02 -28.37
C THR A 532 6.00 -14.60 -27.70
N VAL A 533 7.20 -14.46 -28.31
CA VAL A 533 8.42 -14.93 -27.65
C VAL A 533 8.57 -14.33 -26.24
N ASP A 534 8.28 -13.02 -26.12
CA ASP A 534 8.37 -12.22 -24.91
C ASP A 534 7.40 -12.72 -23.82
N SER A 535 6.14 -13.04 -24.17
CA SER A 535 5.21 -13.55 -23.14
C SER A 535 5.40 -15.08 -22.84
N SER A 536 6.17 -15.79 -23.66
CA SER A 536 6.47 -17.21 -23.43
C SER A 536 7.60 -17.42 -22.40
N GLN A 537 8.42 -16.37 -22.13
CA GLN A 537 9.55 -16.43 -21.19
C GLN A 537 9.09 -16.93 -19.82
N GLY A 538 9.80 -17.93 -19.29
CA GLY A 538 9.46 -18.57 -18.02
C GLY A 538 8.54 -19.78 -18.14
N SER A 539 7.85 -19.93 -19.31
CA SER A 539 6.92 -21.03 -19.59
C SER A 539 7.55 -22.16 -20.41
N GLU A 540 6.96 -23.36 -20.35
CA GLU A 540 7.43 -24.49 -21.14
C GLU A 540 6.27 -25.29 -21.68
N TYR A 541 6.47 -25.88 -22.85
CA TYR A 541 5.44 -26.63 -23.58
C TYR A 541 6.11 -27.84 -24.24
N ASP A 542 5.39 -28.98 -24.39
CA ASP A 542 5.96 -30.16 -25.06
C ASP A 542 6.37 -29.84 -26.50
N TYR A 543 5.47 -29.20 -27.26
CA TYR A 543 5.73 -28.89 -28.65
C TYR A 543 5.57 -27.40 -28.93
N VAL A 544 6.48 -26.86 -29.70
CA VAL A 544 6.49 -25.45 -30.02
C VAL A 544 6.61 -25.32 -31.53
N ILE A 545 5.80 -24.47 -32.13
CA ILE A 545 5.93 -24.15 -33.55
C ILE A 545 6.29 -22.66 -33.59
N PHE A 546 7.44 -22.34 -34.17
CA PHE A 546 7.94 -21.00 -34.23
C PHE A 546 8.09 -20.54 -35.66
N THR A 547 7.46 -19.42 -36.02
CA THR A 547 7.66 -18.80 -37.32
C THR A 547 8.41 -17.48 -37.02
N GLN A 548 9.61 -17.30 -37.60
CA GLN A 548 10.39 -16.09 -37.38
C GLN A 548 9.68 -14.80 -37.87
N THR A 549 8.74 -14.93 -38.85
CA THR A 549 7.89 -13.90 -39.48
C THR A 549 8.69 -12.94 -40.40
N THR A 550 9.73 -12.29 -39.86
CA THR A 550 10.55 -11.35 -40.62
C THR A 550 12.04 -11.55 -40.31
N GLU A 551 12.88 -10.79 -41.05
CA GLU A 551 14.28 -10.59 -40.79
C GLU A 551 14.40 -9.12 -40.36
N THR A 552 14.16 -8.89 -39.10
CA THR A 552 14.38 -7.59 -38.47
C THR A 552 15.37 -7.78 -37.30
N ALA A 553 15.87 -6.68 -36.69
CA ALA A 553 16.71 -6.76 -35.50
C ALA A 553 15.89 -7.43 -34.34
N HIS A 554 14.57 -7.14 -34.28
CA HIS A 554 13.64 -7.72 -33.32
C HIS A 554 13.51 -9.29 -33.44
N SER A 555 13.26 -9.79 -34.64
CA SER A 555 13.08 -11.23 -34.86
C SER A 555 14.40 -12.01 -34.91
N CYS A 556 15.53 -11.29 -35.11
CA CYS A 556 16.86 -11.89 -35.14
C CYS A 556 17.60 -11.73 -33.82
N ASN A 557 17.03 -11.06 -32.82
CA ASN A 557 17.68 -10.83 -31.55
C ASN A 557 18.08 -12.20 -30.91
N VAL A 558 19.40 -12.40 -30.60
CA VAL A 558 19.83 -13.69 -30.09
C VAL A 558 19.16 -14.08 -28.77
N ASN A 559 18.87 -13.12 -27.87
CA ASN A 559 18.19 -13.40 -26.59
C ASN A 559 16.76 -13.85 -26.82
N ARG A 560 16.07 -13.20 -27.78
CA ARG A 560 14.70 -13.54 -28.14
C ARG A 560 14.70 -14.94 -28.80
N PHE A 561 15.68 -15.20 -29.69
CA PHE A 561 15.80 -16.49 -30.35
C PHE A 561 16.00 -17.63 -29.34
N ASN A 562 16.89 -17.36 -28.36
CA ASN A 562 17.24 -18.23 -27.24
C ASN A 562 15.97 -18.62 -26.47
N VAL A 563 15.19 -17.62 -26.02
CA VAL A 563 13.93 -17.84 -25.31
C VAL A 563 12.95 -18.62 -26.16
N ALA A 564 12.81 -18.23 -27.43
CA ALA A 564 11.87 -18.88 -28.32
C ALA A 564 12.05 -20.41 -28.43
N ILE A 565 13.27 -20.88 -28.74
CA ILE A 565 13.49 -22.29 -28.96
C ILE A 565 13.63 -23.11 -27.65
N THR A 566 13.97 -22.47 -26.49
CA THR A 566 14.09 -23.15 -25.23
C THR A 566 12.75 -23.30 -24.47
N ARG A 567 11.60 -23.01 -25.12
CA ARG A 567 10.29 -23.23 -24.46
C ARG A 567 9.87 -24.75 -24.57
N ALA A 568 10.39 -25.46 -25.58
CA ALA A 568 10.08 -26.83 -25.94
C ALA A 568 10.73 -27.93 -25.07
N LYS A 569 9.90 -28.82 -24.55
CA LYS A 569 10.32 -30.00 -23.75
C LYS A 569 10.59 -31.19 -24.68
N VAL A 570 9.81 -31.32 -25.76
CA VAL A 570 9.92 -32.48 -26.63
C VAL A 570 10.30 -32.17 -28.08
N GLY A 571 9.52 -31.34 -28.76
CA GLY A 571 9.80 -31.01 -30.15
C GLY A 571 9.57 -29.54 -30.47
N ILE A 572 10.21 -29.09 -31.54
CA ILE A 572 10.07 -27.74 -32.03
C ILE A 572 10.15 -27.71 -33.54
N LEU A 573 9.31 -26.90 -34.19
CA LEU A 573 9.39 -26.70 -35.63
C LEU A 573 9.75 -25.21 -35.76
N CYS A 574 10.86 -24.86 -36.45
CA CYS A 574 11.23 -23.45 -36.65
C CYS A 574 11.14 -23.11 -38.09
N ILE A 575 10.23 -22.21 -38.48
CA ILE A 575 10.14 -21.73 -39.86
C ILE A 575 10.94 -20.40 -39.82
N MET A 576 12.10 -20.39 -40.45
CA MET A 576 13.08 -19.30 -40.40
C MET A 576 13.10 -18.41 -41.62
N SER A 577 13.39 -17.15 -41.38
CA SER A 577 13.53 -16.10 -42.37
C SER A 577 15.04 -15.74 -42.51
N ASP A 578 15.79 -15.81 -41.40
CA ASP A 578 17.21 -15.45 -41.34
C ASP A 578 18.11 -16.65 -41.55
N ARG A 579 18.97 -16.59 -42.58
CA ARG A 579 19.90 -17.66 -42.94
C ARG A 579 20.90 -18.01 -41.83
N ASP A 580 21.42 -16.98 -41.15
CA ASP A 580 22.39 -17.10 -40.05
C ASP A 580 21.80 -17.97 -38.90
N LEU A 581 20.67 -17.56 -38.31
CA LEU A 581 20.05 -18.31 -37.25
C LEU A 581 19.55 -19.69 -37.73
N TYR A 582 19.07 -19.78 -38.99
CA TYR A 582 18.64 -21.08 -39.56
C TYR A 582 19.84 -22.07 -39.57
N ASP A 583 21.02 -21.59 -40.04
CA ASP A 583 22.23 -22.41 -40.13
C ASP A 583 22.75 -22.84 -38.75
N LYS A 584 22.53 -22.00 -37.74
CA LYS A 584 22.92 -22.26 -36.37
C LYS A 584 22.01 -23.30 -35.68
N LEU A 585 20.75 -23.45 -36.14
CA LEU A 585 19.85 -24.44 -35.57
C LEU A 585 20.37 -25.89 -35.87
N GLN A 586 20.65 -26.65 -34.80
CA GLN A 586 21.14 -28.01 -34.93
C GLN A 586 19.94 -28.93 -34.96
N PHE A 587 19.02 -28.67 -35.93
CA PHE A 587 17.77 -29.37 -36.12
C PHE A 587 17.82 -30.09 -37.46
N THR A 588 16.91 -31.04 -37.65
CA THR A 588 16.76 -31.74 -38.92
C THR A 588 16.02 -30.76 -39.88
N SER A 589 16.54 -30.56 -41.08
CA SER A 589 15.86 -29.67 -42.01
C SER A 589 14.74 -30.39 -42.78
N LEU A 590 13.64 -29.67 -43.00
CA LEU A 590 12.49 -30.16 -43.75
C LEU A 590 12.44 -29.44 -45.12
N GLU A 591 11.84 -30.10 -46.12
CA GLU A 591 11.63 -29.57 -47.47
C GLU A 591 10.14 -29.14 -47.68
N ILE A 592 9.87 -28.37 -48.79
CA ILE A 592 8.61 -27.78 -49.35
C ILE A 592 8.73 -26.26 -49.33
N VAL B 2 12.52 -16.54 16.62
CA VAL B 2 13.14 -15.83 17.75
C VAL B 2 12.78 -14.35 17.79
N GLY B 3 12.56 -13.85 19.01
CA GLY B 3 12.21 -12.46 19.30
C GLY B 3 12.21 -12.14 20.79
N ALA B 4 11.59 -11.02 21.18
CA ALA B 4 11.57 -10.58 22.57
C ALA B 4 10.23 -10.81 23.28
N CYS B 5 10.30 -11.19 24.55
CA CYS B 5 9.17 -11.46 25.42
C CYS B 5 8.33 -10.19 25.59
N VAL B 6 7.01 -10.28 25.46
CA VAL B 6 6.14 -9.11 25.65
C VAL B 6 6.01 -8.68 27.12
N LEU B 7 6.40 -9.55 28.08
CA LEU B 7 6.28 -9.19 29.50
C LEU B 7 7.60 -8.79 30.16
N CYS B 8 8.68 -9.39 29.67
CA CYS B 8 10.03 -9.34 30.20
C CYS B 8 11.01 -8.60 29.37
N ASN B 9 10.86 -8.74 28.06
CA ASN B 9 11.79 -8.37 27.02
C ASN B 9 12.89 -9.42 26.83
N SER B 10 13.02 -10.42 27.75
CA SER B 10 14.01 -11.49 27.67
C SER B 10 13.91 -12.21 26.33
N GLN B 11 15.04 -12.42 25.64
CA GLN B 11 15.10 -13.11 24.34
C GLN B 11 14.38 -14.47 24.37
N THR B 12 13.77 -14.88 23.25
CA THR B 12 13.00 -16.12 23.23
C THR B 12 12.88 -16.83 21.90
N SER B 13 12.84 -18.17 21.93
CA SER B 13 12.49 -18.95 20.74
C SER B 13 11.02 -19.45 20.83
N LEU B 14 10.22 -18.96 21.79
CA LEU B 14 8.84 -19.36 22.08
C LEU B 14 7.82 -18.27 21.84
N ARG B 15 6.69 -18.67 21.29
CA ARG B 15 5.54 -17.83 21.07
C ARG B 15 4.33 -18.62 21.55
N CYS B 16 3.32 -17.96 22.17
CA CYS B 16 2.12 -18.69 22.53
C CYS B 16 1.32 -18.90 21.28
N GLY B 17 1.08 -20.15 20.93
CA GLY B 17 0.32 -20.52 19.74
C GLY B 17 -1.17 -20.40 19.91
N ALA B 18 -1.67 -20.33 21.17
CA ALA B 18 -3.11 -20.17 21.44
C ALA B 18 -3.53 -18.68 21.49
N CYS B 19 -2.57 -17.76 21.68
CA CYS B 19 -2.82 -16.30 21.62
C CYS B 19 -2.98 -16.00 20.13
N ILE B 20 -4.00 -15.17 19.79
CA ILE B 20 -4.23 -14.88 18.36
C ILE B 20 -3.12 -13.99 17.76
N ARG B 21 -2.36 -13.26 18.62
CA ARG B 21 -1.24 -12.48 18.15
C ARG B 21 0.11 -13.23 18.21
N ARG B 22 0.11 -14.50 18.71
CA ARG B 22 1.29 -15.34 18.91
C ARG B 22 2.46 -14.59 19.58
N PRO B 23 2.23 -13.94 20.73
CA PRO B 23 3.31 -13.16 21.34
C PRO B 23 4.51 -14.00 21.76
N PHE B 24 5.71 -13.42 21.62
CA PHE B 24 6.91 -14.07 22.12
C PHE B 24 6.85 -13.99 23.65
N LEU B 25 7.01 -15.14 24.30
CA LEU B 25 7.03 -15.26 25.75
C LEU B 25 8.28 -16.06 26.07
N CYS B 26 9.13 -15.57 26.97
CA CYS B 26 10.38 -16.27 27.30
C CYS B 26 10.08 -17.58 28.04
N CYS B 27 11.12 -18.37 28.38
CA CYS B 27 10.95 -19.62 29.11
C CYS B 27 10.14 -19.46 30.41
N LYS B 28 10.42 -18.40 31.18
CA LYS B 28 9.75 -18.14 32.46
C LYS B 28 8.29 -17.72 32.30
N CYS B 29 8.01 -16.70 31.43
CA CYS B 29 6.66 -16.14 31.24
C CYS B 29 5.73 -17.07 30.45
N CYS B 30 6.30 -17.87 29.54
CA CYS B 30 5.56 -18.84 28.76
C CYS B 30 4.94 -19.87 29.69
N TYR B 31 5.75 -20.36 30.66
CA TYR B 31 5.33 -21.31 31.69
C TYR B 31 4.19 -20.73 32.53
N ASP B 32 4.40 -19.51 33.10
CA ASP B 32 3.38 -18.89 33.93
C ASP B 32 2.08 -18.68 33.19
N HIS B 33 2.13 -18.45 31.85
CA HIS B 33 0.95 -18.28 31.01
C HIS B 33 0.24 -19.64 30.75
N VAL B 34 1.01 -20.69 30.32
CA VAL B 34 0.44 -21.99 29.98
C VAL B 34 -0.15 -22.67 31.20
N ILE B 35 0.47 -22.56 32.38
CA ILE B 35 -0.03 -23.23 33.58
C ILE B 35 -1.22 -22.51 34.26
N SER B 36 -1.48 -21.25 33.91
CA SER B 36 -2.61 -20.51 34.51
C SER B 36 -3.78 -20.26 33.53
N THR B 37 -3.61 -20.60 32.24
CA THR B 37 -4.69 -20.39 31.26
C THR B 37 -5.01 -21.70 30.49
N SER B 38 -6.07 -21.68 29.65
CA SER B 38 -6.38 -22.77 28.74
C SER B 38 -5.34 -22.82 27.57
N HIS B 39 -4.41 -21.84 27.47
CA HIS B 39 -3.44 -21.76 26.39
C HIS B 39 -2.32 -22.74 26.63
N LYS B 40 -2.26 -23.84 25.86
CA LYS B 40 -1.21 -24.85 26.02
C LYS B 40 -0.41 -25.10 24.76
N LEU B 41 -0.75 -24.47 23.61
CA LEU B 41 0.04 -24.67 22.40
C LEU B 41 1.21 -23.69 22.38
N VAL B 42 2.44 -24.20 22.29
CA VAL B 42 3.66 -23.40 22.26
C VAL B 42 4.36 -23.56 20.93
N LEU B 43 4.84 -22.45 20.36
CA LEU B 43 5.49 -22.44 19.07
C LEU B 43 6.94 -22.08 19.21
N SER B 44 7.81 -22.81 18.51
CA SER B 44 9.24 -22.50 18.49
C SER B 44 9.67 -22.52 16.99
N VAL B 45 10.90 -23.03 16.66
CA VAL B 45 11.35 -23.29 15.27
C VAL B 45 10.30 -24.25 14.62
N ASN B 46 9.87 -25.24 15.42
CA ASN B 46 8.81 -26.19 15.17
C ASN B 46 7.77 -26.02 16.31
N PRO B 47 6.47 -26.22 16.02
CA PRO B 47 5.47 -26.17 17.10
C PRO B 47 5.67 -27.37 18.02
N TYR B 48 5.43 -27.16 19.30
CA TYR B 48 5.55 -28.23 20.27
C TYR B 48 4.31 -29.04 20.15
N VAL B 49 4.42 -30.08 19.34
CA VAL B 49 3.34 -31.02 19.08
C VAL B 49 3.97 -32.42 18.99
N CYS B 50 3.22 -33.48 19.33
CA CYS B 50 3.76 -34.84 19.21
C CYS B 50 4.06 -35.21 17.75
N ASN B 51 5.34 -35.48 17.46
CA ASN B 51 5.85 -35.87 16.14
C ASN B 51 5.58 -37.35 15.77
N ALA B 52 5.04 -38.15 16.72
CA ALA B 52 4.68 -39.53 16.44
C ALA B 52 3.50 -39.52 15.46
N PRO B 53 3.53 -40.41 14.45
CA PRO B 53 2.46 -40.41 13.44
C PRO B 53 1.03 -40.52 13.98
N GLY B 54 0.16 -39.65 13.49
CA GLY B 54 -1.26 -39.62 13.85
C GLY B 54 -1.60 -39.26 15.27
N CYS B 55 -0.64 -38.67 16.01
CA CYS B 55 -0.90 -38.27 17.39
C CYS B 55 -1.35 -36.81 17.48
N ASP B 56 -2.39 -36.55 18.30
CA ASP B 56 -2.96 -35.21 18.45
C ASP B 56 -2.57 -34.47 19.73
N VAL B 57 -1.47 -34.89 20.41
CA VAL B 57 -1.05 -34.18 21.63
C VAL B 57 -0.33 -32.88 21.28
N THR B 58 -0.99 -31.74 21.59
CA THR B 58 -0.53 -30.36 21.36
C THR B 58 -0.24 -29.60 22.68
N ASP B 59 -0.66 -30.14 23.84
CA ASP B 59 -0.47 -29.53 25.15
C ASP B 59 0.99 -29.63 25.56
N VAL B 60 1.64 -28.48 25.74
CA VAL B 60 3.04 -28.36 26.13
C VAL B 60 3.36 -29.05 27.48
N THR B 61 2.38 -29.07 28.43
CA THR B 61 2.53 -29.70 29.75
C THR B 61 2.52 -31.26 29.67
N GLN B 62 2.02 -31.81 28.53
CA GLN B 62 1.95 -33.25 28.22
C GLN B 62 3.00 -33.66 27.17
N LEU B 63 4.02 -32.80 26.89
CA LEU B 63 5.03 -33.07 25.87
C LEU B 63 6.45 -33.04 26.41
N TYR B 64 7.38 -33.74 25.69
CA TYR B 64 8.79 -33.95 26.05
C TYR B 64 9.69 -33.85 24.81
N LEU B 65 10.95 -33.47 24.98
CA LEU B 65 11.90 -33.46 23.89
C LEU B 65 12.69 -34.81 23.87
N GLY B 66 12.57 -35.56 22.76
CA GLY B 66 13.23 -36.84 22.52
C GLY B 66 14.30 -36.72 21.46
N GLY B 67 15.48 -36.27 21.88
CA GLY B 67 16.61 -36.03 20.99
C GLY B 67 16.54 -34.64 20.40
N MET B 68 15.85 -34.53 19.26
CA MET B 68 15.64 -33.25 18.59
C MET B 68 14.15 -33.00 18.25
N SER B 69 13.28 -34.04 18.42
CA SER B 69 11.85 -33.99 18.17
C SER B 69 11.01 -33.91 19.49
N TYR B 70 9.69 -33.76 19.37
CA TYR B 70 8.81 -33.62 20.52
C TYR B 70 7.80 -34.74 20.51
N TYR B 71 7.53 -35.34 21.68
CA TYR B 71 6.57 -36.44 21.79
C TYR B 71 5.78 -36.34 23.09
N CYS B 72 4.58 -36.92 23.12
CA CYS B 72 3.79 -36.96 24.35
C CYS B 72 4.32 -38.07 25.31
N LYS B 73 3.64 -38.28 26.44
CA LYS B 73 3.98 -39.31 27.42
C LYS B 73 3.87 -40.73 26.79
N SER B 74 2.89 -40.94 25.88
CA SER B 74 2.64 -42.21 25.19
C SER B 74 3.63 -42.55 24.09
N HIS B 75 4.30 -41.55 23.52
CA HIS B 75 5.20 -41.79 22.39
C HIS B 75 6.65 -41.45 22.60
N LYS B 76 7.00 -40.87 23.74
CA LYS B 76 8.37 -40.45 23.99
C LYS B 76 9.38 -41.61 24.09
N PRO B 77 10.62 -41.39 23.62
CA PRO B 77 11.66 -42.41 23.82
C PRO B 77 12.13 -42.43 25.29
N PRO B 78 12.79 -43.52 25.75
CA PRO B 78 13.26 -43.56 27.15
C PRO B 78 14.12 -42.35 27.54
N ILE B 79 15.00 -41.89 26.63
CA ILE B 79 15.85 -40.73 26.88
C ILE B 79 15.15 -39.44 26.40
N SER B 80 14.44 -38.76 27.32
CA SER B 80 13.69 -37.54 27.02
C SER B 80 13.50 -36.65 28.25
N PHE B 81 13.28 -35.35 28.05
CA PHE B 81 13.03 -34.43 29.16
C PHE B 81 11.76 -33.60 28.93
N PRO B 82 10.96 -33.31 29.97
CA PRO B 82 9.70 -32.57 29.75
C PRO B 82 9.92 -31.14 29.24
N LEU B 83 9.14 -30.73 28.23
CA LEU B 83 9.27 -29.35 27.71
C LEU B 83 8.87 -28.33 28.81
N CYS B 84 7.82 -28.65 29.53
CA CYS B 84 7.22 -27.78 30.50
C CYS B 84 7.33 -28.27 31.98
N ALA B 85 8.41 -27.89 32.67
CA ALA B 85 8.69 -28.25 34.07
C ALA B 85 9.67 -27.26 34.69
N ASN B 86 9.73 -27.17 36.05
CA ASN B 86 10.68 -26.30 36.76
C ASN B 86 10.45 -24.80 36.55
N GLY B 87 9.20 -24.39 36.37
CA GLY B 87 8.87 -22.97 36.15
C GLY B 87 9.25 -22.40 34.79
N GLN B 88 9.63 -23.28 33.87
CA GLN B 88 10.06 -22.88 32.56
C GLN B 88 9.56 -23.84 31.45
N VAL B 89 9.44 -23.30 30.25
CA VAL B 89 9.14 -24.04 29.04
C VAL B 89 10.48 -24.08 28.27
N PHE B 90 10.84 -25.25 27.76
CA PHE B 90 12.06 -25.50 27.03
C PHE B 90 12.16 -24.69 25.72
N GLY B 91 13.29 -24.00 25.53
CA GLY B 91 13.57 -23.20 24.33
C GLY B 91 14.91 -22.50 24.45
N LEU B 92 15.22 -21.63 23.50
CA LEU B 92 16.46 -20.85 23.48
C LEU B 92 16.49 -19.79 24.61
N TYR B 93 17.70 -19.32 24.97
CA TYR B 93 17.96 -18.27 25.97
C TYR B 93 17.37 -18.58 27.36
N LYS B 94 17.40 -19.87 27.79
CA LYS B 94 16.88 -20.30 29.10
C LYS B 94 17.63 -19.71 30.30
N ASN B 95 18.86 -19.19 30.05
CA ASN B 95 19.73 -18.54 31.02
C ASN B 95 19.42 -17.04 31.16
N THR B 96 18.89 -16.39 30.10
CA THR B 96 18.52 -14.97 30.17
C THR B 96 16.99 -14.80 30.31
N CYS B 97 16.42 -15.18 31.46
CA CYS B 97 14.98 -15.05 31.76
C CYS B 97 14.80 -14.31 33.05
N VAL B 98 13.99 -13.26 33.04
CA VAL B 98 13.74 -12.50 34.25
C VAL B 98 12.43 -12.91 34.93
N GLY B 99 11.35 -12.99 34.16
CA GLY B 99 10.02 -13.33 34.68
C GLY B 99 9.21 -12.10 35.03
N SER B 100 8.07 -12.29 35.68
CA SER B 100 7.19 -11.21 36.09
C SER B 100 6.41 -11.69 37.29
N ASP B 101 6.36 -10.88 38.35
CA ASP B 101 5.70 -11.18 39.62
C ASP B 101 4.17 -11.40 39.53
N ASN B 102 3.54 -10.93 38.43
CA ASN B 102 2.10 -11.08 38.19
C ASN B 102 1.72 -11.06 36.69
N VAL B 103 1.86 -12.23 36.04
CA VAL B 103 1.49 -12.49 34.65
C VAL B 103 -0.07 -12.38 34.42
N THR B 104 -0.82 -11.98 35.47
CA THR B 104 -2.27 -11.88 35.61
C THR B 104 -2.91 -10.95 34.60
N ASP B 105 -2.32 -9.76 34.36
CA ASP B 105 -2.90 -8.81 33.40
C ASP B 105 -2.69 -9.31 31.96
N PHE B 106 -1.51 -9.94 31.67
CA PHE B 106 -1.26 -10.51 30.35
C PHE B 106 -2.29 -11.63 30.05
N ASN B 107 -2.55 -12.51 31.01
CA ASN B 107 -3.48 -13.64 30.85
C ASN B 107 -4.88 -13.14 30.55
N ALA B 108 -5.35 -12.09 31.25
CA ALA B 108 -6.68 -11.54 31.03
C ALA B 108 -6.83 -10.88 29.66
N ILE B 109 -5.78 -10.20 29.16
CA ILE B 109 -5.80 -9.59 27.84
C ILE B 109 -5.79 -10.68 26.77
N ALA B 110 -4.97 -11.72 26.98
CA ALA B 110 -4.78 -12.85 26.07
C ALA B 110 -6.05 -13.70 25.91
N THR B 111 -6.90 -13.78 26.97
CA THR B 111 -8.06 -14.67 26.99
C THR B 111 -9.47 -14.01 26.97
N CYS B 112 -9.55 -12.67 27.21
CA CYS B 112 -10.85 -11.95 27.20
C CYS B 112 -11.49 -11.93 25.81
N ASP B 113 -12.81 -11.75 25.74
CA ASP B 113 -13.49 -11.73 24.43
C ASP B 113 -13.75 -10.29 23.91
N TRP B 114 -13.35 -9.24 24.69
CA TRP B 114 -13.49 -7.83 24.36
C TRP B 114 -14.94 -7.36 24.30
N THR B 115 -15.89 -8.07 24.96
CA THR B 115 -17.30 -7.69 24.96
C THR B 115 -17.66 -6.86 26.21
N ASN B 116 -16.81 -6.82 27.24
CA ASN B 116 -17.06 -6.08 28.47
C ASN B 116 -16.21 -4.81 28.51
N ALA B 117 -16.72 -3.78 29.18
CA ALA B 117 -16.01 -2.51 29.33
C ALA B 117 -14.72 -2.71 30.16
N GLY B 118 -14.76 -3.62 31.14
CA GLY B 118 -13.62 -3.94 32.01
C GLY B 118 -12.38 -4.42 31.27
N ASP B 119 -12.58 -4.99 30.06
CA ASP B 119 -11.50 -5.44 29.19
C ASP B 119 -10.72 -4.23 28.63
N TYR B 120 -11.47 -3.16 28.30
CA TYR B 120 -10.91 -1.92 27.76
C TYR B 120 -10.25 -1.08 28.84
N ILE B 121 -10.79 -1.14 30.08
CA ILE B 121 -10.24 -0.46 31.23
C ILE B 121 -8.85 -1.03 31.51
N LEU B 122 -8.74 -2.37 31.57
CA LEU B 122 -7.48 -3.07 31.75
C LEU B 122 -6.50 -2.73 30.62
N ALA B 123 -6.92 -2.75 29.34
CA ALA B 123 -6.06 -2.44 28.18
C ALA B 123 -5.48 -0.99 28.21
N ASN B 124 -6.05 -0.12 29.04
CA ASN B 124 -5.60 1.25 29.13
C ASN B 124 -4.89 1.53 30.47
N THR B 125 -5.08 0.69 31.52
CA THR B 125 -4.42 0.89 32.82
C THR B 125 -3.19 -0.03 33.04
N CYS B 126 -2.95 -0.99 32.16
CA CYS B 126 -1.81 -1.92 32.23
C CYS B 126 -0.49 -1.23 31.84
N THR B 127 0.64 -1.93 31.92
CA THR B 127 1.94 -1.39 31.53
C THR B 127 1.95 -1.03 30.04
N GLU B 128 2.89 -0.18 29.61
CA GLU B 128 2.96 0.23 28.23
C GLU B 128 3.08 -0.93 27.24
N ARG B 129 3.90 -1.95 27.58
CA ARG B 129 4.06 -3.11 26.68
C ARG B 129 2.76 -3.94 26.57
N LEU B 130 1.99 -4.00 27.66
CA LEU B 130 0.72 -4.68 27.64
C LEU B 130 -0.37 -3.87 26.93
N LYS B 131 -0.24 -2.51 26.90
CA LYS B 131 -1.16 -1.63 26.15
C LYS B 131 -1.03 -1.98 24.65
N LEU B 132 0.21 -2.22 24.16
CA LEU B 132 0.46 -2.57 22.76
C LEU B 132 -0.05 -3.98 22.43
N PHE B 133 0.19 -4.96 23.31
CA PHE B 133 -0.30 -6.32 23.15
C PHE B 133 -1.84 -6.28 23.17
N ALA B 134 -2.47 -5.55 24.12
CA ALA B 134 -3.93 -5.44 24.19
C ALA B 134 -4.51 -4.77 22.94
N ALA B 135 -3.84 -3.72 22.41
CA ALA B 135 -4.30 -3.01 21.23
C ALA B 135 -4.23 -3.89 19.96
N GLU B 136 -3.14 -4.65 19.78
CA GLU B 136 -3.02 -5.59 18.65
C GLU B 136 -4.07 -6.72 18.79
N THR B 137 -4.22 -7.27 20.02
CA THR B 137 -5.10 -8.40 20.29
C THR B 137 -6.53 -8.01 19.99
N LEU B 138 -6.95 -6.85 20.53
CA LEU B 138 -8.30 -6.31 20.30
C LEU B 138 -8.51 -6.07 18.80
N LYS B 139 -7.58 -5.39 18.11
CA LYS B 139 -7.76 -5.11 16.67
C LYS B 139 -7.84 -6.39 15.84
N ALA B 140 -7.03 -7.40 16.16
CA ALA B 140 -7.10 -8.67 15.43
C ALA B 140 -8.42 -9.38 15.74
N THR B 141 -8.90 -9.31 17.00
CA THR B 141 -10.18 -9.91 17.40
C THR B 141 -11.32 -9.23 16.66
N GLU B 142 -11.27 -7.89 16.52
CA GLU B 142 -12.26 -7.12 15.78
C GLU B 142 -12.29 -7.49 14.29
N GLU B 143 -11.11 -7.70 13.63
CA GLU B 143 -11.02 -8.02 12.20
C GLU B 143 -11.51 -9.42 11.88
N THR B 144 -11.18 -10.37 12.77
CA THR B 144 -11.60 -11.77 12.66
C THR B 144 -13.14 -11.86 12.85
N PHE B 145 -13.69 -11.04 13.74
CA PHE B 145 -15.11 -10.97 14.00
C PHE B 145 -15.89 -10.55 12.73
N LYS B 146 -15.30 -9.71 11.88
CA LYS B 146 -15.96 -9.31 10.65
C LYS B 146 -16.19 -10.47 9.69
N LEU B 147 -15.32 -11.51 9.74
CA LEU B 147 -15.40 -12.73 8.93
C LEU B 147 -16.54 -13.64 9.39
N SER B 148 -16.95 -13.56 10.68
CA SER B 148 -18.04 -14.36 11.29
C SER B 148 -19.39 -14.12 10.61
N TYR B 149 -19.57 -12.94 10.03
CA TYR B 149 -20.75 -12.51 9.34
C TYR B 149 -20.86 -13.19 7.99
N GLY B 150 -22.09 -13.46 7.61
CA GLY B 150 -22.34 -14.09 6.32
C GLY B 150 -22.30 -13.10 5.17
N ILE B 151 -22.02 -13.63 3.96
CA ILE B 151 -21.98 -12.93 2.68
C ILE B 151 -23.41 -12.54 2.28
N ALA B 152 -23.59 -11.29 1.78
CA ALA B 152 -24.86 -10.80 1.26
C ALA B 152 -24.76 -10.82 -0.29
N THR B 153 -25.76 -11.36 -0.99
CA THR B 153 -25.71 -11.46 -2.44
C THR B 153 -26.96 -10.80 -3.03
N VAL B 154 -26.80 -10.08 -4.13
CA VAL B 154 -27.91 -9.42 -4.84
C VAL B 154 -28.83 -10.49 -5.44
N ARG B 155 -30.06 -10.56 -4.93
CA ARG B 155 -31.07 -11.52 -5.38
C ARG B 155 -31.99 -10.87 -6.46
N GLU B 156 -32.20 -9.56 -6.37
CA GLU B 156 -33.08 -8.85 -7.26
C GLU B 156 -32.74 -7.38 -7.22
N VAL B 157 -32.27 -6.80 -8.33
CA VAL B 157 -32.00 -5.36 -8.37
C VAL B 157 -33.36 -4.69 -8.53
N LEU B 158 -34.00 -4.33 -7.40
CA LEU B 158 -35.34 -3.75 -7.33
C LEU B 158 -35.44 -2.46 -8.15
N SER B 159 -34.45 -1.59 -7.95
CA SER B 159 -34.34 -0.30 -8.60
C SER B 159 -32.90 0.22 -8.39
N ASP B 160 -32.66 1.51 -8.67
CA ASP B 160 -31.39 2.16 -8.40
C ASP B 160 -31.45 2.58 -6.92
N ARG B 161 -30.32 2.49 -6.21
CA ARG B 161 -30.27 2.81 -4.78
C ARG B 161 -31.03 1.78 -3.91
N GLU B 162 -31.70 0.76 -4.48
CA GLU B 162 -32.41 -0.26 -3.69
C GLU B 162 -32.21 -1.71 -4.21
N LEU B 163 -32.01 -2.67 -3.28
CA LEU B 163 -31.74 -4.08 -3.56
C LEU B 163 -32.51 -5.09 -2.70
N HIS B 164 -32.56 -6.33 -3.18
CA HIS B 164 -33.11 -7.44 -2.42
C HIS B 164 -31.90 -8.31 -2.10
N LEU B 165 -31.46 -8.35 -0.83
CA LEU B 165 -30.29 -9.15 -0.47
C LEU B 165 -30.64 -10.57 -0.02
N SER B 166 -29.79 -11.52 -0.41
CA SER B 166 -29.85 -12.94 -0.08
C SER B 166 -28.67 -13.22 0.88
N TRP B 167 -28.95 -13.61 2.13
CA TRP B 167 -27.88 -13.80 3.12
C TRP B 167 -27.43 -15.24 3.29
N GLU B 168 -26.14 -15.42 3.61
CA GLU B 168 -25.52 -16.73 3.81
C GLU B 168 -26.15 -17.43 5.03
N VAL B 169 -26.56 -18.71 4.87
CA VAL B 169 -27.18 -19.48 5.97
C VAL B 169 -26.13 -19.95 6.97
N GLY B 170 -26.49 -19.97 8.25
CA GLY B 170 -25.59 -20.42 9.30
C GLY B 170 -24.79 -19.32 9.98
N LYS B 171 -24.48 -18.25 9.22
CA LYS B 171 -23.71 -17.14 9.76
C LYS B 171 -24.62 -15.93 10.03
N PRO B 172 -24.41 -15.23 11.17
CA PRO B 172 -25.25 -14.05 11.47
C PRO B 172 -25.09 -12.92 10.45
N ARG B 173 -26.00 -11.93 10.50
CA ARG B 173 -25.94 -10.79 9.59
C ARG B 173 -25.48 -9.54 10.33
N PRO B 174 -24.52 -8.80 9.74
CA PRO B 174 -24.05 -7.56 10.37
C PRO B 174 -25.13 -6.50 10.45
N PRO B 175 -25.05 -5.57 11.43
CA PRO B 175 -26.01 -4.46 11.47
C PRO B 175 -25.92 -3.66 10.16
N LEU B 176 -27.07 -3.25 9.62
CA LEU B 176 -27.06 -2.52 8.36
C LEU B 176 -27.15 -1.01 8.59
N ASN B 177 -26.00 -0.39 8.92
CA ASN B 177 -25.89 1.06 9.15
C ASN B 177 -24.58 1.66 8.54
N ARG B 178 -24.22 2.93 8.87
CA ARG B 178 -23.05 3.63 8.33
C ARG B 178 -21.70 3.04 8.79
N ASN B 179 -21.64 2.52 10.03
CA ASN B 179 -20.42 1.91 10.58
C ASN B 179 -20.00 0.61 9.84
N TYR B 180 -20.92 0.03 9.05
CA TYR B 180 -20.66 -1.20 8.36
C TYR B 180 -20.48 -0.97 6.87
N VAL B 181 -19.22 -0.89 6.45
CA VAL B 181 -18.85 -0.67 5.06
C VAL B 181 -18.41 -1.99 4.40
N PHE B 182 -19.22 -2.45 3.42
CA PHE B 182 -19.08 -3.68 2.63
C PHE B 182 -18.26 -3.44 1.40
N THR B 183 -17.85 -4.50 0.72
CA THR B 183 -17.14 -4.38 -0.54
C THR B 183 -17.86 -5.26 -1.54
N GLY B 184 -18.25 -4.68 -2.65
CA GLY B 184 -18.92 -5.41 -3.70
C GLY B 184 -17.96 -6.22 -4.54
N TYR B 185 -18.45 -7.31 -5.14
CA TYR B 185 -17.61 -8.19 -5.95
C TYR B 185 -18.41 -8.75 -7.13
N ARG B 186 -17.81 -8.81 -8.34
CA ARG B 186 -18.46 -9.41 -9.51
C ARG B 186 -17.75 -10.75 -9.86
N VAL B 187 -18.52 -11.83 -9.98
CA VAL B 187 -18.00 -13.18 -10.23
C VAL B 187 -17.32 -13.27 -11.58
N THR B 188 -16.00 -13.47 -11.60
CA THR B 188 -15.25 -13.62 -12.87
C THR B 188 -15.13 -15.12 -13.25
N LYS B 189 -14.58 -15.43 -14.46
CA LYS B 189 -14.40 -16.80 -14.94
C LYS B 189 -13.85 -17.77 -13.86
N ASN B 190 -12.78 -17.36 -13.14
CA ASN B 190 -12.22 -18.19 -12.07
C ASN B 190 -11.74 -17.39 -10.82
N SER B 191 -12.32 -16.19 -10.59
CA SER B 191 -12.03 -15.36 -9.40
C SER B 191 -13.17 -14.32 -9.14
N LYS B 192 -12.88 -13.24 -8.40
CA LYS B 192 -13.85 -12.19 -8.07
C LYS B 192 -13.19 -10.81 -8.26
N VAL B 193 -13.89 -9.88 -8.94
CA VAL B 193 -13.33 -8.55 -9.15
C VAL B 193 -14.01 -7.51 -8.24
N GLN B 194 -13.20 -6.68 -7.52
CA GLN B 194 -13.71 -5.64 -6.62
C GLN B 194 -14.58 -4.66 -7.39
N ILE B 195 -15.74 -4.35 -6.85
CA ILE B 195 -16.68 -3.45 -7.49
C ILE B 195 -16.99 -2.21 -6.57
N GLY B 196 -16.06 -1.89 -5.66
CA GLY B 196 -16.18 -0.74 -4.80
C GLY B 196 -16.77 -1.00 -3.42
N GLU B 197 -16.71 0.01 -2.53
CA GLU B 197 -17.26 -0.09 -1.18
C GLU B 197 -18.74 0.31 -1.16
N TYR B 198 -19.53 -0.29 -0.25
CA TYR B 198 -20.97 -0.08 -0.15
C TYR B 198 -21.46 -0.05 1.28
N THR B 199 -22.50 0.72 1.56
CA THR B 199 -23.15 0.73 2.88
C THR B 199 -24.65 0.47 2.67
N PHE B 200 -25.30 -0.13 3.66
CA PHE B 200 -26.72 -0.46 3.54
C PHE B 200 -27.53 0.08 4.71
N GLU B 201 -28.84 0.15 4.51
CA GLU B 201 -29.82 0.64 5.47
C GLU B 201 -31.18 0.03 5.04
N LYS B 202 -32.05 -0.38 6.00
CA LYS B 202 -33.34 -1.02 5.65
C LYS B 202 -34.25 -0.11 4.79
N GLY B 203 -34.99 -0.71 3.85
CA GLY B 203 -35.92 0.01 2.98
C GLY B 203 -37.30 0.15 3.61
N ALA B 208 -35.77 -5.99 1.83
CA ALA B 208 -35.37 -4.93 0.90
C ALA B 208 -34.48 -3.86 1.55
N VAL B 209 -33.33 -3.58 0.93
CA VAL B 209 -32.31 -2.64 1.44
C VAL B 209 -32.02 -1.46 0.49
N VAL B 210 -31.48 -0.38 1.05
CA VAL B 210 -31.09 0.84 0.36
C VAL B 210 -29.56 0.96 0.34
N TYR B 211 -28.93 0.96 -0.86
CA TYR B 211 -27.47 1.00 -0.94
C TYR B 211 -26.89 2.36 -1.28
N ARG B 212 -25.92 2.80 -0.45
CA ARG B 212 -25.20 4.07 -0.65
C ARG B 212 -23.78 3.68 -1.06
N GLY B 213 -23.60 3.39 -2.34
CA GLY B 213 -22.32 2.94 -2.86
C GLY B 213 -21.29 4.00 -3.10
N THR B 214 -20.01 3.67 -2.76
CA THR B 214 -18.82 4.51 -2.97
C THR B 214 -18.60 4.83 -4.46
N THR B 215 -19.08 3.94 -5.34
CA THR B 215 -18.98 4.10 -6.78
C THR B 215 -20.34 3.90 -7.45
N THR B 216 -20.46 4.32 -8.72
CA THR B 216 -21.68 4.18 -9.50
C THR B 216 -21.58 2.98 -10.47
N TYR B 217 -21.95 1.79 -9.98
CA TYR B 217 -21.91 0.57 -10.80
C TYR B 217 -23.31 0.07 -11.05
N LYS B 218 -23.57 -0.44 -12.26
CA LYS B 218 -24.87 -1.00 -12.61
C LYS B 218 -24.85 -2.44 -12.10
N LEU B 219 -24.89 -2.61 -10.76
CA LEU B 219 -24.82 -3.93 -10.15
C LEU B 219 -25.93 -4.84 -10.61
N ASN B 220 -25.55 -6.08 -10.78
CA ASN B 220 -26.44 -7.11 -11.26
C ASN B 220 -26.67 -8.20 -10.20
N VAL B 221 -27.63 -9.07 -10.43
CA VAL B 221 -27.95 -10.19 -9.56
C VAL B 221 -26.71 -11.13 -9.51
N GLY B 222 -26.31 -11.57 -8.32
CA GLY B 222 -25.13 -12.43 -8.19
C GLY B 222 -23.94 -11.73 -7.58
N ASP B 223 -23.91 -10.39 -7.62
CA ASP B 223 -22.84 -9.62 -6.99
C ASP B 223 -22.98 -9.78 -5.48
N TYR B 224 -21.86 -9.88 -4.78
CA TYR B 224 -21.92 -10.11 -3.35
C TYR B 224 -21.10 -9.10 -2.53
N PHE B 225 -21.44 -8.94 -1.26
CA PHE B 225 -20.88 -7.94 -0.34
C PHE B 225 -20.32 -8.55 0.94
N VAL B 226 -19.08 -8.21 1.26
CA VAL B 226 -18.41 -8.73 2.45
C VAL B 226 -17.74 -7.57 3.19
N LEU B 227 -17.80 -7.55 4.52
CA LEU B 227 -17.16 -6.50 5.30
C LEU B 227 -15.63 -6.54 5.11
N THR B 228 -15.04 -5.40 4.69
CA THR B 228 -13.61 -5.36 4.40
C THR B 228 -12.77 -5.61 5.64
N SER B 229 -12.04 -6.72 5.62
CA SER B 229 -11.16 -7.14 6.71
C SER B 229 -9.71 -6.85 6.30
N HIS B 230 -8.87 -6.51 7.28
CA HIS B 230 -7.50 -6.19 7.00
C HIS B 230 -6.53 -6.83 7.96
N THR B 231 -5.30 -6.98 7.48
CA THR B 231 -4.22 -7.58 8.26
C THR B 231 -3.80 -6.57 9.35
N VAL B 232 -3.78 -7.02 10.61
CA VAL B 232 -3.38 -6.22 11.77
C VAL B 232 -1.86 -6.39 11.92
N MET B 233 -1.10 -5.30 11.80
CA MET B 233 0.35 -5.37 11.94
C MET B 233 0.78 -5.25 13.39
N PRO B 234 1.93 -5.83 13.77
CA PRO B 234 2.39 -5.71 15.16
C PRO B 234 2.85 -4.28 15.54
N LEU B 235 2.65 -3.92 16.83
CA LEU B 235 2.98 -2.61 17.40
C LEU B 235 4.31 -2.67 18.08
N SER B 236 5.15 -1.64 17.87
CA SER B 236 6.49 -1.56 18.46
C SER B 236 6.66 -0.30 19.32
N ALA B 237 6.24 0.86 18.81
CA ALA B 237 6.33 2.16 19.49
C ALA B 237 5.28 2.30 20.60
N PRO B 238 5.59 3.04 21.70
CA PRO B 238 4.58 3.24 22.76
C PRO B 238 3.40 4.11 22.29
N THR B 239 2.30 4.12 23.05
CA THR B 239 1.15 4.96 22.71
C THR B 239 1.49 6.44 22.90
N LEU B 240 2.29 6.74 23.95
CA LEU B 240 2.82 8.06 24.23
C LEU B 240 4.32 7.96 24.41
N VAL B 241 5.09 8.83 23.74
CA VAL B 241 6.52 8.89 23.95
C VAL B 241 6.77 9.43 25.40
N PRO B 242 7.98 9.25 25.99
CA PRO B 242 8.21 9.83 27.34
C PRO B 242 8.12 11.35 27.33
N GLN B 243 7.40 11.93 28.30
CA GLN B 243 7.23 13.36 28.39
C GLN B 243 8.55 14.06 28.76
N GLU B 244 8.80 15.21 28.15
CA GLU B 244 9.95 16.07 28.45
C GLU B 244 9.45 17.51 28.57
N HIS B 245 9.76 18.20 29.66
CA HIS B 245 9.40 19.62 29.82
C HIS B 245 10.64 20.43 29.63
N TYR B 246 10.55 21.53 28.91
CA TYR B 246 11.69 22.37 28.59
C TYR B 246 11.59 23.75 29.22
N VAL B 247 12.76 24.39 29.44
CA VAL B 247 12.85 25.73 30.01
C VAL B 247 12.63 26.81 28.92
N ARG B 248 12.99 26.49 27.67
CA ARG B 248 12.83 27.36 26.50
C ARG B 248 12.06 26.61 25.41
N ILE B 249 11.52 27.34 24.39
CA ILE B 249 10.89 26.75 23.20
C ILE B 249 12.03 26.04 22.46
N THR B 250 11.85 24.76 22.19
CA THR B 250 12.90 23.93 21.66
C THR B 250 12.70 23.53 20.20
N GLY B 251 13.73 23.73 19.38
CA GLY B 251 13.73 23.33 17.97
C GLY B 251 12.73 24.02 17.05
N LEU B 252 12.06 25.05 17.60
CA LEU B 252 11.05 25.85 16.92
C LEU B 252 11.45 27.33 17.00
N TYR B 253 11.15 28.09 15.92
CA TYR B 253 11.52 29.49 15.83
C TYR B 253 10.27 30.33 15.58
N PRO B 254 9.78 31.00 16.65
CA PRO B 254 8.52 31.75 16.53
C PRO B 254 8.59 33.02 15.68
N THR B 255 7.46 33.34 15.07
CA THR B 255 7.33 34.46 14.17
C THR B 255 7.42 35.78 14.93
N LEU B 256 7.84 36.84 14.23
CA LEU B 256 7.86 38.16 14.85
C LEU B 256 6.48 38.85 14.71
N ASN B 257 5.80 38.61 13.56
CA ASN B 257 4.51 39.15 13.24
C ASN B 257 3.49 38.05 13.06
N ILE B 258 2.43 38.08 13.84
CA ILE B 258 1.32 37.15 13.70
C ILE B 258 0.03 37.97 13.48
N SER B 259 -0.93 37.42 12.77
CA SER B 259 -2.20 38.11 12.57
C SER B 259 -3.07 38.03 13.85
N ASP B 260 -3.93 39.03 14.09
CA ASP B 260 -4.81 39.03 15.26
C ASP B 260 -5.86 37.88 15.24
N GLU B 261 -5.96 37.16 14.11
CA GLU B 261 -6.79 35.96 13.97
C GLU B 261 -6.18 34.80 14.79
N PHE B 262 -4.85 34.80 15.04
CA PHE B 262 -4.16 33.74 15.80
C PHE B 262 -3.54 34.17 17.12
N SER B 263 -3.69 35.44 17.50
CA SER B 263 -3.13 35.98 18.72
C SER B 263 -3.69 35.32 19.99
N SER B 264 -4.94 34.85 19.95
CA SER B 264 -5.54 34.18 21.08
C SER B 264 -4.78 32.90 21.46
N ASN B 265 -4.12 32.26 20.49
CA ASN B 265 -3.40 31.03 20.76
C ASN B 265 -1.90 31.19 20.95
N VAL B 266 -1.34 32.43 20.97
CA VAL B 266 0.12 32.61 21.11
C VAL B 266 0.70 31.93 22.40
N ALA B 267 0.09 32.15 23.57
CA ALA B 267 0.55 31.51 24.80
C ALA B 267 0.51 29.96 24.68
N ASN B 268 -0.56 29.42 24.06
CA ASN B 268 -0.70 27.97 23.83
C ASN B 268 0.39 27.44 22.87
N TYR B 269 0.71 28.19 21.77
CA TYR B 269 1.74 27.80 20.81
C TYR B 269 3.11 27.76 21.47
N GLN B 270 3.36 28.68 22.41
CA GLN B 270 4.63 28.71 23.15
C GLN B 270 4.70 27.48 24.08
N LYS B 271 3.57 27.15 24.75
CA LYS B 271 3.47 25.97 25.61
C LYS B 271 3.79 24.70 24.79
N VAL B 272 3.36 24.66 23.49
CA VAL B 272 3.65 23.56 22.57
C VAL B 272 5.16 23.34 22.35
N GLY B 273 5.90 24.42 22.15
CA GLY B 273 7.35 24.33 21.95
C GLY B 273 8.14 24.09 23.23
N MET B 274 7.50 24.21 24.39
CA MET B 274 8.14 24.02 25.70
C MET B 274 7.89 22.65 26.39
N GLN B 275 7.35 21.67 25.64
CA GLN B 275 7.22 20.29 26.11
C GLN B 275 7.20 19.33 24.92
N LYS B 276 7.57 18.04 25.15
CA LYS B 276 7.68 17.03 24.10
C LYS B 276 6.31 16.82 23.45
N TYR B 277 5.29 16.63 24.27
CA TYR B 277 3.94 16.47 23.76
C TYR B 277 3.01 17.30 24.58
N SER B 278 1.94 17.76 23.92
CA SER B 278 0.95 18.59 24.57
C SER B 278 -0.45 18.14 24.16
N THR B 279 -1.40 18.30 25.07
CA THR B 279 -2.77 17.93 24.83
C THR B 279 -3.64 19.21 24.76
N LEU B 280 -4.54 19.25 23.76
CA LEU B 280 -5.44 20.38 23.59
C LEU B 280 -6.90 19.89 23.62
N GLN B 281 -7.62 20.24 24.66
CA GLN B 281 -9.04 19.96 24.72
C GLN B 281 -9.79 21.16 24.09
N GLY B 282 -10.43 20.89 22.95
CA GLY B 282 -11.24 21.89 22.28
C GLY B 282 -12.69 21.47 22.20
N PRO B 283 -13.55 21.99 23.10
CA PRO B 283 -14.99 21.71 23.00
C PRO B 283 -15.59 22.08 21.63
N PRO B 284 -16.85 21.70 21.35
CA PRO B 284 -17.44 22.05 20.05
C PRO B 284 -17.36 23.54 19.68
N GLY B 285 -16.91 23.84 18.47
CA GLY B 285 -16.89 25.20 17.91
C GLY B 285 -15.97 26.18 18.61
N THR B 286 -14.95 25.68 19.33
CA THR B 286 -13.99 26.52 20.04
C THR B 286 -12.73 26.86 19.22
N GLY B 287 -12.54 26.23 18.03
CA GLY B 287 -11.41 26.55 17.15
C GLY B 287 -10.21 25.61 17.05
N LYS B 288 -10.45 24.32 17.12
CA LYS B 288 -9.37 23.31 17.01
C LYS B 288 -8.56 23.38 15.70
N SER B 289 -9.25 23.41 14.55
CA SER B 289 -8.53 23.47 13.26
C SER B 289 -7.84 24.82 13.05
N HIS B 290 -8.45 25.89 13.56
CA HIS B 290 -7.87 27.24 13.54
C HIS B 290 -6.54 27.21 14.35
N PHE B 291 -6.59 26.58 15.53
CA PHE B 291 -5.41 26.39 16.37
C PHE B 291 -4.34 25.59 15.63
N ALA B 292 -4.71 24.44 15.06
CA ALA B 292 -3.79 23.58 14.34
C ALA B 292 -3.09 24.30 13.20
N ILE B 293 -3.83 25.06 12.38
CA ILE B 293 -3.21 25.76 11.23
C ILE B 293 -2.41 27.00 11.68
N GLY B 294 -2.88 27.66 12.73
CA GLY B 294 -2.18 28.81 13.29
C GLY B 294 -0.84 28.48 13.91
N LEU B 295 -0.67 27.23 14.31
CA LEU B 295 0.59 26.73 14.86
C LEU B 295 1.68 26.81 13.78
N ALA B 296 1.30 26.57 12.48
CA ALA B 296 2.18 26.65 11.31
C ALA B 296 2.62 28.09 11.03
N LEU B 297 1.70 29.03 11.20
CA LEU B 297 1.98 30.44 11.01
C LEU B 297 2.85 30.98 12.18
N TYR B 298 2.67 30.42 13.39
CA TYR B 298 3.45 30.85 14.54
C TYR B 298 4.85 30.33 14.47
N TYR B 299 5.08 29.11 13.95
CA TYR B 299 6.45 28.57 13.78
C TYR B 299 6.60 28.41 12.27
N PRO B 300 6.84 29.55 11.55
CA PRO B 300 6.79 29.52 10.08
C PRO B 300 7.75 28.59 9.34
N SER B 301 8.87 28.21 9.93
CA SER B 301 9.83 27.32 9.25
C SER B 301 9.68 25.82 9.64
N ALA B 302 8.90 25.54 10.70
CA ALA B 302 8.62 24.19 11.19
C ALA B 302 7.89 23.30 10.19
N ARG B 303 8.43 22.08 9.99
CA ARG B 303 7.81 21.06 9.14
C ARG B 303 6.73 20.39 10.01
N ILE B 304 5.46 20.48 9.58
CA ILE B 304 4.36 19.92 10.37
C ILE B 304 3.62 18.82 9.65
N VAL B 305 3.45 17.67 10.34
CA VAL B 305 2.65 16.58 9.82
C VAL B 305 1.32 16.63 10.55
N TYR B 306 0.22 16.80 9.81
CA TYR B 306 -1.13 16.86 10.35
C TYR B 306 -1.74 15.51 10.09
N THR B 307 -2.18 14.85 11.16
CA THR B 307 -2.74 13.51 11.06
C THR B 307 -4.00 13.39 11.90
N ALA B 308 -4.83 12.41 11.53
CA ALA B 308 -6.09 12.01 12.17
C ALA B 308 -6.50 10.60 11.66
N CYS B 309 -7.41 9.92 12.36
CA CYS B 309 -7.82 8.58 11.94
C CYS B 309 -8.61 8.57 10.65
N SER B 310 -9.57 9.49 10.51
CA SER B 310 -10.44 9.54 9.35
C SER B 310 -9.99 10.49 8.24
N HIS B 311 -10.34 10.15 7.00
CA HIS B 311 -10.09 11.00 5.85
C HIS B 311 -10.82 12.32 6.00
N ALA B 312 -12.03 12.34 6.62
CA ALA B 312 -12.82 13.54 6.81
C ALA B 312 -12.11 14.50 7.79
N ALA B 313 -11.51 13.96 8.88
CA ALA B 313 -10.77 14.81 9.81
C ALA B 313 -9.54 15.38 9.12
N VAL B 314 -8.82 14.54 8.33
CA VAL B 314 -7.65 15.03 7.61
C VAL B 314 -8.02 16.14 6.59
N ASP B 315 -9.15 15.96 5.86
CA ASP B 315 -9.65 16.90 4.86
C ASP B 315 -10.10 18.22 5.46
N ALA B 316 -10.70 18.20 6.66
CA ALA B 316 -11.10 19.41 7.33
C ALA B 316 -9.83 20.23 7.71
N LEU B 317 -8.69 19.55 8.03
CA LEU B 317 -7.45 20.27 8.30
C LEU B 317 -6.88 20.87 6.98
N CYS B 318 -7.01 20.13 5.87
CA CYS B 318 -6.59 20.55 4.54
C CYS B 318 -7.38 21.80 4.11
N GLU B 319 -8.69 21.86 4.41
CA GLU B 319 -9.53 22.99 4.04
C GLU B 319 -9.09 24.25 4.75
N LYS B 320 -8.75 24.15 6.05
CA LYS B 320 -8.28 25.26 6.84
C LYS B 320 -6.87 25.66 6.35
N ALA B 321 -6.02 24.71 6.02
CA ALA B 321 -4.68 25.00 5.49
C ALA B 321 -4.73 25.71 4.14
N LEU B 322 -5.71 25.39 3.32
CA LEU B 322 -5.87 26.01 2.01
C LEU B 322 -6.09 27.54 2.15
N LYS B 323 -6.82 27.96 3.19
CA LYS B 323 -7.15 29.33 3.54
C LYS B 323 -5.96 30.14 4.14
N TYR B 324 -4.98 29.49 4.80
CA TYR B 324 -3.92 30.22 5.48
C TYR B 324 -2.49 29.89 5.09
N LEU B 325 -2.25 28.71 4.55
CA LEU B 325 -0.90 28.24 4.27
C LEU B 325 -0.61 28.20 2.78
N PRO B 326 0.66 28.46 2.39
CA PRO B 326 1.00 28.40 0.95
C PRO B 326 0.76 27.00 0.38
N ILE B 327 -0.13 26.88 -0.61
CA ILE B 327 -0.53 25.62 -1.27
C ILE B 327 0.65 24.81 -1.82
N ASP B 328 1.70 25.50 -2.31
CA ASP B 328 2.91 24.85 -2.84
C ASP B 328 3.74 24.15 -1.75
N LYS B 329 3.50 24.48 -0.46
CA LYS B 329 4.17 23.89 0.71
C LYS B 329 3.32 22.79 1.37
N CYS B 330 2.17 22.41 0.78
CA CYS B 330 1.24 21.42 1.30
C CYS B 330 1.20 20.17 0.41
N SER B 331 0.92 19.03 1.06
CA SER B 331 0.78 17.78 0.35
C SER B 331 -0.20 16.85 1.06
N ARG B 332 -1.16 16.28 0.32
CA ARG B 332 -2.12 15.34 0.85
C ARG B 332 -1.64 13.91 0.53
N ILE B 333 -1.26 13.12 1.57
CA ILE B 333 -0.79 11.74 1.36
C ILE B 333 -2.01 10.83 1.24
N ILE B 334 -2.06 10.12 0.12
CA ILE B 334 -3.17 9.25 -0.26
C ILE B 334 -2.66 7.84 -0.51
N PRO B 335 -3.24 6.84 0.18
CA PRO B 335 -2.81 5.44 -0.06
C PRO B 335 -3.24 4.97 -1.46
N ALA B 336 -2.37 4.24 -2.17
CA ALA B 336 -2.70 3.75 -3.51
C ALA B 336 -3.94 2.85 -3.51
N VAL B 340 -11.26 5.56 -1.77
CA VAL B 340 -11.79 6.66 -0.95
C VAL B 340 -11.55 8.04 -1.61
N GLU B 341 -12.61 8.88 -1.67
CA GLU B 341 -12.43 10.22 -2.24
C GLU B 341 -12.19 11.27 -1.17
N CYS B 342 -11.10 12.01 -1.32
CA CYS B 342 -10.71 13.01 -0.33
C CYS B 342 -10.24 14.34 -0.99
N PHE B 343 -9.47 15.17 -0.26
CA PHE B 343 -8.96 16.47 -0.67
C PHE B 343 -8.02 16.38 -1.89
N ASP B 344 -8.39 17.05 -3.01
CA ASP B 344 -7.60 17.02 -4.25
C ASP B 344 -6.89 18.33 -4.61
N LYS B 345 -6.79 19.29 -3.69
CA LYS B 345 -6.20 20.60 -4.03
C LYS B 345 -4.68 20.68 -3.76
N PHE B 346 -4.10 19.76 -2.98
CA PHE B 346 -2.65 19.78 -2.73
C PHE B 346 -1.93 18.78 -3.63
N LYS B 347 -0.58 18.94 -3.83
CA LYS B 347 0.17 17.94 -4.60
C LYS B 347 0.12 16.60 -3.84
N VAL B 348 -0.22 15.52 -4.55
CA VAL B 348 -0.45 14.22 -3.89
C VAL B 348 0.84 13.43 -3.65
N ASN B 349 0.98 12.89 -2.42
CA ASN B 349 2.05 11.98 -2.00
C ASN B 349 3.47 12.58 -2.04
N SER B 350 3.62 13.87 -1.73
CA SER B 350 4.94 14.48 -1.66
C SER B 350 5.31 14.54 -0.19
N THR B 351 5.94 13.46 0.31
CA THR B 351 6.36 13.26 1.70
C THR B 351 7.28 14.38 2.20
N LEU B 352 8.10 14.94 1.30
CA LEU B 352 9.07 15.99 1.65
C LEU B 352 8.52 17.42 1.80
N GLU B 353 7.21 17.60 1.57
CA GLU B 353 6.57 18.91 1.68
C GLU B 353 6.61 19.43 3.11
N GLN B 354 6.69 20.77 3.30
CA GLN B 354 6.71 21.33 4.65
C GLN B 354 5.47 20.94 5.45
N TYR B 355 4.30 20.90 4.78
CA TYR B 355 3.02 20.53 5.41
C TYR B 355 2.50 19.27 4.80
N VAL B 356 2.38 18.23 5.60
CA VAL B 356 1.93 16.92 5.14
C VAL B 356 0.65 16.54 5.86
N PHE B 357 -0.41 16.28 5.13
CA PHE B 357 -1.71 15.95 5.70
C PHE B 357 -1.94 14.50 5.29
N CYS B 358 -2.16 13.63 6.27
CA CYS B 358 -2.24 12.21 6.03
C CYS B 358 -3.00 11.48 7.16
N THR B 359 -3.83 10.47 6.81
CA THR B 359 -4.53 9.66 7.82
C THR B 359 -3.48 8.77 8.55
N VAL B 360 -3.78 8.34 9.78
CA VAL B 360 -2.84 7.51 10.54
C VAL B 360 -2.37 6.23 9.78
N ASN B 361 -3.27 5.48 9.08
CA ASN B 361 -2.80 4.24 8.39
C ASN B 361 -1.92 4.48 7.16
N ALA B 362 -1.99 5.67 6.54
CA ALA B 362 -1.18 5.96 5.37
C ALA B 362 0.15 6.67 5.65
N LEU B 363 0.44 6.98 6.92
CA LEU B 363 1.64 7.70 7.32
C LEU B 363 2.92 7.10 6.81
N PRO B 364 3.74 7.88 6.12
CA PRO B 364 5.06 7.38 5.73
C PRO B 364 6.05 7.40 6.91
N GLU B 365 7.21 6.75 6.73
CA GLU B 365 8.23 6.76 7.77
C GLU B 365 8.99 8.04 7.57
N THR B 366 8.75 9.02 8.44
CA THR B 366 9.37 10.35 8.30
C THR B 366 9.56 11.04 9.67
N THR B 367 10.21 12.20 9.66
CA THR B 367 10.40 13.04 10.81
C THR B 367 9.65 14.38 10.58
N ALA B 368 9.46 15.14 11.65
CA ALA B 368 8.80 16.46 11.62
C ALA B 368 9.22 17.29 12.84
N ASP B 369 9.08 18.61 12.75
CA ASP B 369 9.34 19.47 13.90
C ASP B 369 8.11 19.39 14.84
N ILE B 370 6.89 19.32 14.26
CA ILE B 370 5.65 19.17 15.00
C ILE B 370 4.77 18.14 14.30
N VAL B 371 4.15 17.27 15.08
CA VAL B 371 3.16 16.35 14.61
C VAL B 371 1.86 16.80 15.29
N VAL B 372 0.81 17.09 14.52
CA VAL B 372 -0.48 17.48 15.10
C VAL B 372 -1.41 16.30 14.84
N PHE B 373 -1.93 15.65 15.90
CA PHE B 373 -2.83 14.51 15.76
C PHE B 373 -4.18 15.03 16.22
N ASP B 374 -5.11 15.21 15.27
CA ASP B 374 -6.46 15.74 15.53
C ASP B 374 -7.53 14.64 15.75
N GLU B 375 -8.68 15.06 16.31
CA GLU B 375 -9.82 14.27 16.69
C GLU B 375 -9.39 13.07 17.57
N ILE B 376 -8.62 13.37 18.62
CA ILE B 376 -7.98 12.42 19.52
C ILE B 376 -8.98 11.53 20.25
N SER B 377 -10.24 11.98 20.52
CA SER B 377 -11.24 11.09 21.15
C SER B 377 -11.51 9.84 20.27
N MET B 378 -11.35 9.96 18.93
CA MET B 378 -11.59 8.90 17.95
C MET B 378 -10.39 7.94 17.77
N ALA B 379 -9.22 8.30 18.31
CA ALA B 379 -8.07 7.43 18.22
C ALA B 379 -8.20 6.26 19.18
N THR B 380 -7.58 5.15 18.81
CA THR B 380 -7.43 3.97 19.67
C THR B 380 -5.93 3.96 20.07
N ASN B 381 -5.56 3.12 21.04
CA ASN B 381 -4.15 2.95 21.39
C ASN B 381 -3.34 2.38 20.25
N TYR B 382 -3.98 1.59 19.36
CA TYR B 382 -3.34 1.07 18.17
C TYR B 382 -2.85 2.25 17.29
N ASP B 383 -3.74 3.24 17.04
CA ASP B 383 -3.45 4.46 16.26
C ASP B 383 -2.33 5.28 16.93
N LEU B 384 -2.43 5.49 18.27
CA LEU B 384 -1.41 6.22 19.05
C LEU B 384 -0.02 5.63 18.85
N SER B 385 0.06 4.30 18.84
CA SER B 385 1.30 3.56 18.63
C SER B 385 1.83 3.67 17.19
N VAL B 386 0.94 3.52 16.20
CA VAL B 386 1.34 3.62 14.80
C VAL B 386 1.97 4.99 14.49
N VAL B 387 1.36 6.09 14.99
CA VAL B 387 1.88 7.44 14.79
C VAL B 387 3.31 7.54 15.38
N ASN B 388 3.49 7.03 16.62
CA ASN B 388 4.81 7.06 17.24
C ASN B 388 5.86 6.22 16.48
N ALA B 389 5.40 5.17 15.77
CA ALA B 389 6.30 4.32 14.98
C ALA B 389 6.68 4.93 13.65
N ARG B 390 5.73 5.62 12.99
CA ARG B 390 5.98 6.20 11.68
C ARG B 390 6.66 7.59 11.73
N LEU B 391 6.31 8.41 12.75
CA LEU B 391 6.74 9.82 12.89
C LEU B 391 7.65 10.08 14.09
N ARG B 392 8.87 10.54 13.84
CA ARG B 392 9.76 10.93 14.93
C ARG B 392 9.79 12.48 14.92
N ALA B 393 9.18 13.10 15.91
CA ALA B 393 9.05 14.55 15.95
C ALA B 393 9.65 15.24 17.18
N LYS B 394 10.01 16.55 17.06
CA LYS B 394 10.48 17.30 18.21
C LYS B 394 9.29 17.55 19.17
N HIS B 395 8.06 17.70 18.61
CA HIS B 395 6.86 18.00 19.38
C HIS B 395 5.67 17.29 18.80
N TYR B 396 4.75 16.89 19.69
CA TYR B 396 3.53 16.19 19.31
C TYR B 396 2.40 16.91 19.96
N VAL B 397 1.36 17.32 19.19
CA VAL B 397 0.22 18.00 19.77
C VAL B 397 -1.01 17.12 19.50
N TYR B 398 -1.75 16.77 20.55
CA TYR B 398 -2.91 15.90 20.47
C TYR B 398 -4.09 16.78 20.66
N ILE B 399 -4.91 16.94 19.62
CA ILE B 399 -6.09 17.80 19.65
C ILE B 399 -7.39 16.98 19.56
N GLY B 400 -8.30 17.28 20.44
CA GLY B 400 -9.60 16.63 20.43
C GLY B 400 -10.39 17.04 21.64
N ASP B 401 -11.30 16.17 22.05
CA ASP B 401 -12.14 16.46 23.19
C ASP B 401 -12.61 15.14 23.82
N PRO B 402 -12.16 14.80 25.06
CA PRO B 402 -12.64 13.54 25.69
C PRO B 402 -14.12 13.57 26.03
N ALA B 403 -14.79 14.74 25.91
CA ALA B 403 -16.25 14.89 26.11
C ALA B 403 -17.03 14.62 24.81
N GLN B 404 -16.32 14.28 23.71
CA GLN B 404 -16.95 13.93 22.46
C GLN B 404 -16.85 12.40 22.22
N LEU B 405 -17.34 11.93 21.08
CA LEU B 405 -17.41 10.51 20.79
C LEU B 405 -16.06 9.78 20.50
N PRO B 406 -15.98 8.56 21.07
CA PRO B 406 -14.82 7.70 20.78
C PRO B 406 -15.01 6.86 19.52
N ALA B 407 -13.97 6.13 19.12
CA ALA B 407 -14.05 5.17 18.03
C ALA B 407 -15.05 4.08 18.41
N PRO B 408 -15.86 3.62 17.47
CA PRO B 408 -16.83 2.56 17.81
C PRO B 408 -16.09 1.29 18.23
N ARG B 409 -16.52 0.67 19.33
CA ARG B 409 -15.93 -0.57 19.77
C ARG B 409 -16.96 -1.61 19.42
N THR B 410 -16.86 -2.15 18.20
CA THR B 410 -17.81 -3.12 17.64
C THR B 410 -18.04 -4.34 18.52
N LEU B 411 -17.01 -4.82 19.25
CA LEU B 411 -17.17 -5.97 20.12
C LEU B 411 -17.79 -5.65 21.47
N LEU B 412 -17.64 -4.40 21.97
CA LEU B 412 -18.13 -4.00 23.29
C LEU B 412 -19.66 -3.92 23.35
N THR B 413 -20.25 -4.76 24.20
CA THR B 413 -21.71 -4.82 24.36
C THR B 413 -22.15 -4.70 25.83
N LYS B 414 -21.26 -4.96 26.78
CA LYS B 414 -21.61 -4.89 28.19
C LYS B 414 -20.81 -3.84 28.93
N GLY B 415 -21.51 -2.88 29.50
CA GLY B 415 -20.87 -1.82 30.26
C GLY B 415 -20.60 -0.60 29.41
N THR B 416 -20.33 0.53 30.07
CA THR B 416 -20.02 1.77 29.38
C THR B 416 -18.53 2.12 29.48
N LEU B 417 -17.93 2.48 28.35
CA LEU B 417 -16.53 2.88 28.29
C LEU B 417 -16.38 4.37 28.63
N GLU B 418 -15.84 4.70 29.82
CA GLU B 418 -15.64 6.09 30.23
C GLU B 418 -14.54 6.80 29.41
N PRO B 419 -14.64 8.16 29.23
CA PRO B 419 -13.63 8.89 28.43
C PRO B 419 -12.16 8.68 28.83
N GLU B 420 -11.89 8.51 30.14
CA GLU B 420 -10.52 8.21 30.59
C GLU B 420 -9.97 6.86 30.07
N TYR B 421 -10.81 6.05 29.40
CA TYR B 421 -10.38 4.78 28.86
C TYR B 421 -10.40 4.73 27.31
N PHE B 422 -10.65 5.88 26.62
CA PHE B 422 -10.73 5.90 25.15
C PHE B 422 -9.39 5.57 24.55
N ASN B 423 -8.34 6.17 25.09
CA ASN B 423 -6.95 5.94 24.69
C ASN B 423 -6.03 6.60 25.77
N SER B 424 -4.68 6.48 25.62
CA SER B 424 -3.73 7.03 26.60
C SER B 424 -3.82 8.57 26.67
N VAL B 425 -4.09 9.26 25.53
CA VAL B 425 -4.20 10.71 25.52
C VAL B 425 -5.43 11.15 26.31
N CYS B 426 -6.57 10.49 26.06
CA CYS B 426 -7.79 10.81 26.79
C CYS B 426 -7.67 10.49 28.24
N ARG B 427 -6.94 9.41 28.59
CA ARG B 427 -6.66 9.07 29.97
C ARG B 427 -5.91 10.24 30.64
N LEU B 428 -4.84 10.76 30.01
CA LEU B 428 -4.13 11.94 30.54
C LEU B 428 -5.06 13.16 30.70
N MET B 429 -5.83 13.54 29.66
CA MET B 429 -6.75 14.68 29.72
C MET B 429 -7.77 14.55 30.83
N LYS B 430 -8.19 13.34 31.14
CA LYS B 430 -9.19 13.10 32.18
C LYS B 430 -8.60 12.94 33.60
N THR B 431 -7.30 12.61 33.71
CA THR B 431 -6.69 12.40 35.03
C THR B 431 -5.87 13.64 35.51
N ILE B 432 -4.86 14.06 34.74
CA ILE B 432 -4.05 15.25 35.05
C ILE B 432 -4.55 16.55 34.38
N GLY B 433 -5.59 16.46 33.53
CA GLY B 433 -6.11 17.60 32.80
C GLY B 433 -5.38 17.85 31.50
N PRO B 434 -6.02 18.52 30.54
CA PRO B 434 -5.33 18.83 29.28
C PRO B 434 -4.36 20.00 29.51
N ASP B 435 -3.30 20.02 28.71
CA ASP B 435 -2.32 21.10 28.80
C ASP B 435 -2.97 22.45 28.42
N MET B 436 -3.83 22.40 27.38
CA MET B 436 -4.46 23.60 26.87
C MET B 436 -5.93 23.35 26.64
N PHE B 437 -6.73 24.39 26.85
CA PHE B 437 -8.16 24.31 26.72
C PHE B 437 -8.69 25.54 25.95
N LEU B 438 -9.50 25.28 24.88
CA LEU B 438 -10.16 26.35 24.12
C LEU B 438 -11.48 26.63 24.81
N GLY B 439 -11.52 27.72 25.55
CA GLY B 439 -12.62 28.01 26.43
C GLY B 439 -13.82 28.75 25.91
N THR B 440 -13.78 29.22 24.65
CA THR B 440 -14.93 29.99 24.16
C THR B 440 -15.58 29.32 22.94
N CYS B 441 -16.83 28.91 23.10
CA CYS B 441 -17.57 28.29 22.01
C CYS B 441 -18.12 29.41 21.12
N ARG B 442 -17.73 29.46 19.84
CA ARG B 442 -18.23 30.49 18.92
C ARG B 442 -19.47 30.03 18.11
N ARG B 443 -19.78 28.72 18.14
CA ARG B 443 -20.87 28.20 17.34
C ARG B 443 -22.28 28.31 17.95
N CYS B 444 -22.46 27.86 19.17
CA CYS B 444 -23.77 27.62 19.74
C CYS B 444 -24.42 28.80 20.49
N PRO B 445 -25.79 28.84 20.46
CA PRO B 445 -26.52 29.79 21.34
C PRO B 445 -26.14 29.54 22.80
N ALA B 446 -26.17 30.57 23.64
CA ALA B 446 -25.76 30.42 25.03
C ALA B 446 -26.50 29.30 25.81
N GLU B 447 -27.79 29.00 25.51
CA GLU B 447 -28.54 27.91 26.20
C GLU B 447 -27.81 26.57 26.11
N ILE B 448 -27.27 26.25 24.92
CA ILE B 448 -26.54 25.03 24.62
C ILE B 448 -25.18 25.05 25.28
N VAL B 449 -24.48 26.19 25.16
CA VAL B 449 -23.16 26.35 25.74
C VAL B 449 -23.21 26.15 27.27
N ASP B 450 -24.19 26.80 27.93
CA ASP B 450 -24.38 26.70 29.38
C ASP B 450 -24.73 25.27 29.80
N THR B 451 -25.54 24.56 28.99
CA THR B 451 -25.90 23.18 29.27
C THR B 451 -24.68 22.25 29.22
N VAL B 452 -23.91 22.24 28.11
CA VAL B 452 -22.79 21.32 27.98
C VAL B 452 -21.62 21.74 28.88
N SER B 453 -21.45 23.05 29.12
CA SER B 453 -20.42 23.57 30.02
C SER B 453 -20.56 22.93 31.41
N ALA B 454 -21.79 22.92 31.97
CA ALA B 454 -22.12 22.29 33.25
C ALA B 454 -22.07 20.74 33.19
N LEU B 455 -22.60 20.15 32.09
CA LEU B 455 -22.67 18.71 31.87
C LEU B 455 -21.31 18.02 31.80
N VAL B 456 -20.39 18.47 30.92
CA VAL B 456 -19.13 17.77 30.71
C VAL B 456 -17.83 18.64 30.82
N TYR B 457 -17.93 19.97 30.96
CA TYR B 457 -16.74 20.84 30.96
C TYR B 457 -16.44 21.53 32.29
N ASP B 458 -17.00 21.05 33.43
CA ASP B 458 -16.78 21.66 34.77
C ASP B 458 -17.06 23.18 34.83
N ASN B 459 -18.00 23.67 34.02
CA ASN B 459 -18.39 25.09 33.95
C ASN B 459 -17.31 26.00 33.40
N LYS B 460 -16.39 25.46 32.59
CA LYS B 460 -15.32 26.23 31.99
C LYS B 460 -15.56 26.66 30.55
N LEU B 461 -16.65 26.16 29.91
CA LEU B 461 -16.92 26.54 28.54
C LEU B 461 -17.80 27.79 28.56
N LYS B 462 -17.36 28.85 27.87
CA LYS B 462 -18.07 30.14 27.83
C LYS B 462 -18.73 30.38 26.47
N ALA B 463 -19.89 31.06 26.45
CA ALA B 463 -20.58 31.32 25.20
C ALA B 463 -20.12 32.61 24.55
N HIS B 464 -19.86 32.59 23.25
CA HIS B 464 -19.56 33.80 22.50
C HIS B 464 -20.93 34.44 22.12
N LYS B 465 -21.84 33.64 21.57
CA LYS B 465 -23.19 34.07 21.20
C LYS B 465 -24.04 34.30 22.44
N ASP B 466 -25.08 35.14 22.29
CA ASP B 466 -26.05 35.33 23.38
C ASP B 466 -27.05 34.12 23.32
N LYS B 467 -28.04 34.08 24.24
CA LYS B 467 -29.09 33.08 24.18
C LYS B 467 -29.90 33.39 22.91
N SER B 468 -30.21 32.34 22.12
CA SER B 468 -30.95 32.53 20.89
C SER B 468 -32.46 32.63 21.12
N ALA B 469 -32.95 32.08 22.25
CA ALA B 469 -34.38 31.92 22.60
C ALA B 469 -35.13 30.97 21.61
N GLN B 470 -34.34 30.15 20.88
CA GLN B 470 -34.79 29.16 19.92
C GLN B 470 -34.29 27.75 20.30
N CYS B 471 -34.13 27.48 21.60
CA CYS B 471 -33.67 26.19 22.12
C CYS B 471 -34.79 25.64 22.96
N PHE B 472 -35.45 24.60 22.49
CA PHE B 472 -36.61 24.04 23.18
C PHE B 472 -36.43 22.58 23.56
N LYS B 473 -37.14 22.15 24.59
CA LYS B 473 -37.11 20.79 25.05
C LYS B 473 -38.53 20.31 25.36
N MET B 474 -38.81 19.06 25.06
N MET B 474 -38.81 19.05 25.06
CA MET B 474 -40.09 18.44 25.40
CA MET B 474 -40.10 18.43 25.34
C MET B 474 -39.80 17.10 26.01
C MET B 474 -39.82 17.09 25.97
N PHE B 475 -40.56 16.75 27.02
CA PHE B 475 -40.42 15.47 27.66
C PHE B 475 -41.54 14.56 27.11
N TYR B 476 -41.18 13.61 26.23
CA TYR B 476 -42.17 12.74 25.61
C TYR B 476 -41.59 11.33 25.33
N LYS B 477 -41.98 10.35 26.15
CA LYS B 477 -41.47 8.98 26.01
C LYS B 477 -41.93 8.24 24.78
N GLY B 478 -43.13 8.57 24.29
CA GLY B 478 -43.65 7.98 23.06
C GLY B 478 -43.81 6.47 23.13
N VAL B 479 -43.46 5.79 22.04
CA VAL B 479 -43.56 4.34 21.91
C VAL B 479 -42.29 3.87 21.24
N ILE B 480 -41.56 2.97 21.89
CA ILE B 480 -40.36 2.44 21.30
C ILE B 480 -40.68 1.14 20.63
N THR B 481 -40.24 1.04 19.38
CA THR B 481 -40.30 -0.17 18.60
C THR B 481 -38.85 -0.51 18.20
N HIS B 482 -38.57 -1.80 18.11
CA HIS B 482 -37.25 -2.30 17.80
C HIS B 482 -37.25 -3.04 16.52
N ASP B 483 -36.17 -2.91 15.77
CA ASP B 483 -35.98 -3.78 14.63
C ASP B 483 -34.70 -4.66 14.92
N VAL B 484 -34.11 -5.26 13.89
CA VAL B 484 -32.99 -6.17 14.08
C VAL B 484 -31.82 -5.56 14.91
N SER B 485 -31.37 -4.33 14.59
CA SER B 485 -30.24 -3.73 15.31
C SER B 485 -30.42 -2.22 15.62
N SER B 486 -31.70 -1.75 15.76
CA SER B 486 -31.93 -0.32 15.97
C SER B 486 -33.28 -0.03 16.67
N ALA B 487 -33.53 1.22 17.07
CA ALA B 487 -34.79 1.63 17.71
C ALA B 487 -35.51 2.74 16.90
N ILE B 488 -36.80 2.80 17.07
CA ILE B 488 -37.68 3.75 16.41
C ILE B 488 -38.69 4.25 17.45
N ASN B 489 -39.02 5.55 17.41
CA ASN B 489 -40.01 6.14 18.28
C ASN B 489 -40.91 7.04 17.38
N ARG B 490 -41.88 6.43 16.69
CA ARG B 490 -42.82 7.12 15.79
C ARG B 490 -43.57 8.25 16.49
N PRO B 491 -44.13 8.09 17.72
CA PRO B 491 -44.78 9.22 18.39
C PRO B 491 -43.86 10.44 18.60
N GLN B 492 -42.51 10.24 18.78
CA GLN B 492 -41.57 11.35 18.90
C GLN B 492 -41.42 12.05 17.55
N ILE B 493 -41.41 11.30 16.43
CA ILE B 493 -41.41 11.90 15.08
C ILE B 493 -42.74 12.64 14.81
N GLY B 494 -43.85 12.12 15.35
CA GLY B 494 -45.16 12.71 15.25
C GLY B 494 -45.22 14.05 15.98
N VAL B 495 -44.62 14.16 17.15
CA VAL B 495 -44.53 15.40 17.90
C VAL B 495 -43.72 16.42 17.07
N VAL B 496 -42.64 15.99 16.40
CA VAL B 496 -41.80 16.84 15.54
C VAL B 496 -42.62 17.34 14.37
N ARG B 497 -43.38 16.46 13.73
CA ARG B 497 -44.28 16.78 12.59
C ARG B 497 -45.27 17.87 13.01
N GLU B 498 -45.91 17.76 14.21
CA GLU B 498 -46.81 18.74 14.77
C GLU B 498 -46.10 20.09 15.05
N PHE B 499 -44.89 20.03 15.61
CA PHE B 499 -44.09 21.22 15.85
C PHE B 499 -43.76 21.93 14.52
N LEU B 500 -43.37 21.17 13.48
CA LEU B 500 -43.02 21.73 12.18
C LEU B 500 -44.18 22.49 11.51
N THR B 501 -45.44 22.04 11.65
CA THR B 501 -46.59 22.73 11.09
C THR B 501 -46.77 24.12 11.75
N ARG B 502 -46.47 24.22 13.05
CA ARG B 502 -46.56 25.48 13.77
C ARG B 502 -45.31 26.35 13.72
N ASN B 503 -44.19 25.83 13.21
CA ASN B 503 -42.88 26.47 13.17
C ASN B 503 -42.19 26.22 11.83
N PRO B 504 -42.80 26.70 10.73
CA PRO B 504 -42.24 26.40 9.40
C PRO B 504 -40.81 26.86 9.15
N ALA B 505 -40.27 27.85 9.90
CA ALA B 505 -38.85 28.23 9.75
C ALA B 505 -37.93 27.01 10.02
N TRP B 506 -38.37 26.09 10.89
CA TRP B 506 -37.63 24.88 11.24
C TRP B 506 -37.63 23.82 10.15
N ARG B 507 -38.33 24.01 9.01
CA ARG B 507 -38.27 23.04 7.93
C ARG B 507 -36.85 22.98 7.32
N LYS B 508 -35.97 23.94 7.63
CA LYS B 508 -34.57 23.90 7.20
C LYS B 508 -33.68 23.12 8.25
N ALA B 509 -34.28 22.55 9.32
CA ALA B 509 -33.52 21.83 10.36
C ALA B 509 -32.96 20.50 9.89
N VAL B 510 -31.86 20.06 10.55
CA VAL B 510 -31.31 18.73 10.36
C VAL B 510 -31.88 17.91 11.48
N PHE B 511 -32.41 16.73 11.15
CA PHE B 511 -32.97 15.78 12.10
C PHE B 511 -31.82 14.88 12.63
N ILE B 512 -31.68 14.80 13.94
CA ILE B 512 -30.65 13.98 14.58
C ILE B 512 -31.28 13.06 15.62
N SER B 513 -30.78 11.81 15.69
CA SER B 513 -31.17 10.85 16.71
C SER B 513 -30.00 9.85 16.95
N PRO B 514 -30.05 9.08 18.04
CA PRO B 514 -29.01 8.07 18.27
C PRO B 514 -29.17 6.82 17.39
N TYR B 515 -30.26 6.69 16.56
CA TYR B 515 -30.48 5.46 15.78
C TYR B 515 -30.70 5.66 14.29
N ASN B 516 -30.02 4.86 13.44
CA ASN B 516 -30.22 4.97 11.99
C ASN B 516 -31.66 4.63 11.58
N SER B 517 -32.34 3.72 12.34
CA SER B 517 -33.72 3.36 12.00
C SER B 517 -34.70 4.47 12.32
N GLN B 518 -34.51 5.16 13.44
CA GLN B 518 -35.31 6.34 13.78
C GLN B 518 -35.15 7.42 12.66
N ASN B 519 -33.91 7.63 12.20
CA ASN B 519 -33.54 8.56 11.15
C ASN B 519 -34.17 8.18 9.79
N ALA B 520 -34.24 6.89 9.45
CA ALA B 520 -34.84 6.44 8.20
C ALA B 520 -36.35 6.74 8.21
N VAL B 521 -37.01 6.49 9.38
CA VAL B 521 -38.43 6.79 9.54
C VAL B 521 -38.66 8.33 9.46
N ALA B 522 -37.84 9.13 10.19
CA ALA B 522 -37.93 10.58 10.17
C ALA B 522 -37.71 11.14 8.77
N SER B 523 -36.80 10.54 7.99
CA SER B 523 -36.52 11.02 6.65
C SER B 523 -37.77 10.97 5.76
N LYS B 524 -38.51 9.85 5.83
CA LYS B 524 -39.71 9.63 5.02
C LYS B 524 -40.91 10.46 5.55
N ILE B 525 -41.10 10.57 6.88
CA ILE B 525 -42.22 11.32 7.44
C ILE B 525 -42.03 12.86 7.42
N LEU B 526 -40.82 13.33 7.73
CA LEU B 526 -40.54 14.74 7.85
C LEU B 526 -39.88 15.34 6.62
N GLY B 527 -39.09 14.55 5.90
CA GLY B 527 -38.35 15.05 4.75
C GLY B 527 -37.12 15.86 5.10
N LEU B 528 -36.82 16.02 6.40
CA LEU B 528 -35.62 16.72 6.84
C LEU B 528 -34.39 15.86 6.52
N PRO B 529 -33.23 16.48 6.24
CA PRO B 529 -31.99 15.68 6.18
C PRO B 529 -31.73 15.09 7.57
N THR B 530 -31.17 13.88 7.62
CA THR B 530 -30.95 13.19 8.89
C THR B 530 -29.46 12.84 9.13
N GLN B 531 -29.08 12.81 10.40
CA GLN B 531 -27.74 12.42 10.83
C GLN B 531 -27.86 11.63 12.11
N THR B 532 -27.03 10.60 12.27
CA THR B 532 -26.96 9.94 13.57
C THR B 532 -26.10 10.91 14.41
N VAL B 533 -26.18 10.84 15.75
CA VAL B 533 -25.32 11.68 16.57
C VAL B 533 -23.82 11.49 16.22
N ASP B 534 -23.44 10.22 16.01
CA ASP B 534 -22.10 9.79 15.68
C ASP B 534 -21.62 10.33 14.33
N SER B 535 -22.46 10.33 13.28
CA SER B 535 -22.04 10.89 11.98
C SER B 535 -22.15 12.44 11.92
N SER B 536 -22.82 13.07 12.90
CA SER B 536 -22.93 14.54 12.94
C SER B 536 -21.68 15.18 13.56
N GLN B 537 -20.85 14.42 14.32
CA GLN B 537 -19.62 14.91 14.98
C GLN B 537 -18.71 15.63 13.98
N GLY B 538 -18.31 16.86 14.33
CA GLY B 538 -17.49 17.67 13.43
C GLY B 538 -18.27 18.61 12.52
N SER B 539 -19.59 18.34 12.32
CA SER B 539 -20.50 19.16 11.48
C SER B 539 -21.34 20.16 12.30
N GLU B 540 -21.86 21.22 11.63
CA GLU B 540 -22.73 22.19 12.28
C GLU B 540 -23.87 22.58 11.36
N TYR B 541 -25.01 22.91 11.94
CA TYR B 541 -26.24 23.27 11.23
C TYR B 541 -26.97 24.40 12.01
N ASP B 542 -27.70 25.31 11.33
CA ASP B 542 -28.44 26.38 12.01
C ASP B 542 -29.48 25.83 12.99
N TYR B 543 -30.30 24.87 12.53
CA TYR B 543 -31.35 24.31 13.34
C TYR B 543 -31.22 22.81 13.41
N VAL B 544 -31.41 22.27 14.60
CA VAL B 544 -31.29 20.85 14.83
C VAL B 544 -32.54 20.38 15.54
N ILE B 545 -33.10 19.28 15.08
CA ILE B 545 -34.23 18.64 15.79
C ILE B 545 -33.70 17.28 16.26
N PHE B 546 -33.75 17.04 17.54
CA PHE B 546 -33.23 15.82 18.12
C PHE B 546 -34.31 15.07 18.85
N THR B 547 -34.51 13.81 18.51
CA THR B 547 -35.41 12.91 19.25
C THR B 547 -34.50 11.88 19.93
N GLN B 548 -34.55 11.78 21.27
CA GLN B 548 -33.73 10.82 21.99
C GLN B 548 -34.03 9.35 21.64
N THR B 549 -35.27 9.06 21.15
CA THR B 549 -35.80 7.75 20.72
C THR B 549 -36.05 6.76 21.92
N THR B 550 -35.02 6.47 22.71
CA THR B 550 -35.13 5.56 23.85
C THR B 550 -34.39 6.16 25.09
N GLU B 551 -34.42 5.48 26.28
CA GLU B 551 -33.66 5.87 27.49
C GLU B 551 -32.54 4.85 27.77
N THR B 552 -31.92 4.31 26.73
CA THR B 552 -30.86 3.31 26.89
C THR B 552 -29.53 3.98 27.35
N ALA B 553 -28.49 3.20 27.71
CA ALA B 553 -27.16 3.73 28.00
C ALA B 553 -26.62 4.46 26.72
N HIS B 554 -26.93 3.92 25.52
CA HIS B 554 -26.55 4.50 24.22
C HIS B 554 -27.15 5.91 23.99
N SER B 555 -28.46 6.07 24.17
CA SER B 555 -29.13 7.33 23.94
C SER B 555 -28.95 8.35 25.09
N CYS B 556 -28.55 7.86 26.29
CA CYS B 556 -28.28 8.70 27.46
C CYS B 556 -26.79 8.99 27.64
N ASN B 557 -25.91 8.49 26.76
CA ASN B 557 -24.48 8.70 26.90
C ASN B 557 -24.17 10.21 26.88
N VAL B 558 -23.49 10.74 27.95
CA VAL B 558 -23.29 12.19 28.04
C VAL B 558 -22.47 12.73 26.88
N ASN B 559 -21.48 11.98 26.37
CA ASN B 559 -20.65 12.42 25.24
C ASN B 559 -21.46 12.51 23.95
N ARG B 560 -22.37 11.54 23.75
CA ARG B 560 -23.24 11.50 22.61
C ARG B 560 -24.22 12.67 22.72
N PHE B 561 -24.80 12.89 23.91
CA PHE B 561 -25.72 13.98 24.15
C PHE B 561 -25.07 15.35 23.86
N ASN B 562 -23.82 15.51 24.34
CA ASN B 562 -22.96 16.68 24.17
C ASN B 562 -22.80 16.99 22.67
N VAL B 563 -22.38 15.98 21.87
CA VAL B 563 -22.21 16.12 20.44
C VAL B 563 -23.55 16.47 19.79
N ALA B 564 -24.62 15.78 20.19
CA ALA B 564 -25.93 16.01 19.59
C ALA B 564 -26.41 17.47 19.67
N ILE B 565 -26.43 18.07 20.85
CA ILE B 565 -26.96 19.41 21.02
C ILE B 565 -25.98 20.52 20.58
N THR B 566 -24.65 20.26 20.51
CA THR B 566 -23.67 21.24 20.07
C THR B 566 -23.47 21.30 18.53
N ARG B 567 -24.37 20.66 17.75
CA ARG B 567 -24.31 20.77 16.29
C ARG B 567 -25.01 22.10 15.82
N ALA B 568 -25.92 22.64 16.64
CA ALA B 568 -26.77 23.81 16.39
C ALA B 568 -26.07 25.18 16.55
N LYS B 569 -26.16 25.98 15.50
CA LYS B 569 -25.66 27.36 15.48
C LYS B 569 -26.75 28.34 15.99
N VAL B 570 -28.03 28.05 15.72
CA VAL B 570 -29.10 28.98 16.06
C VAL B 570 -30.17 28.41 17.01
N GLY B 571 -30.83 27.32 16.63
CA GLY B 571 -31.88 26.73 17.43
C GLY B 571 -31.82 25.22 17.49
N ILE B 572 -32.44 24.65 18.51
CA ILE B 572 -32.51 23.21 18.69
C ILE B 572 -33.84 22.84 19.35
N LEU B 573 -34.46 21.76 18.89
CA LEU B 573 -35.65 21.23 19.55
C LEU B 573 -35.20 19.82 20.06
N CYS B 574 -35.30 19.53 21.36
CA CYS B 574 -34.94 18.22 21.89
C CYS B 574 -36.17 17.51 22.38
N ILE B 575 -36.57 16.39 21.75
CA ILE B 575 -37.68 15.57 22.27
C ILE B 575 -36.98 14.47 23.09
N MET B 576 -37.13 14.54 24.42
CA MET B 576 -36.44 13.71 25.39
C MET B 576 -37.26 12.57 25.96
N SER B 577 -36.58 11.48 26.22
CA SER B 577 -37.09 10.26 26.82
C SER B 577 -36.61 10.21 28.28
N ASP B 578 -35.37 10.65 28.53
CA ASP B 578 -34.73 10.59 29.83
C ASP B 578 -34.96 11.85 30.64
N ARG B 579 -35.55 11.71 31.84
CA ARG B 579 -35.83 12.83 32.76
C ARG B 579 -34.57 13.58 33.22
N ASP B 580 -33.49 12.85 33.48
CA ASP B 580 -32.18 13.38 33.93
C ASP B 580 -31.62 14.37 32.88
N LEU B 581 -31.38 13.92 31.64
CA LEU B 581 -30.87 14.79 30.59
C LEU B 581 -31.88 15.90 30.23
N TYR B 582 -33.20 15.60 30.29
CA TYR B 582 -34.22 16.62 30.01
C TYR B 582 -34.07 17.78 31.04
N ASP B 583 -33.93 17.44 32.35
CA ASP B 583 -33.79 18.41 33.44
C ASP B 583 -32.49 19.22 33.35
N LYS B 584 -31.43 18.62 32.79
CA LYS B 584 -30.14 19.26 32.57
C LYS B 584 -30.16 20.27 31.39
N LEU B 585 -31.08 20.08 30.43
CA LEU B 585 -31.21 21.02 29.31
C LEU B 585 -31.71 22.41 29.78
N GLN B 586 -30.89 23.46 29.54
CA GLN B 586 -31.25 24.83 29.93
C GLN B 586 -31.97 25.48 28.76
N PHE B 587 -33.05 24.81 28.33
CA PHE B 587 -33.89 25.17 27.22
C PHE B 587 -35.28 25.52 27.74
N THR B 588 -36.06 26.21 26.89
CA THR B 588 -37.43 26.55 27.21
C THR B 588 -38.23 25.26 27.01
N SER B 589 -39.05 24.86 28.00
CA SER B 589 -39.85 23.68 27.83
C SER B 589 -41.15 23.98 27.07
N LEU B 590 -41.54 23.04 26.19
CA LEU B 590 -42.77 23.12 25.43
C LEU B 590 -43.73 22.05 25.98
N GLU B 591 -45.04 22.29 25.88
CA GLU B 591 -46.04 21.33 26.37
C GLU B 591 -46.48 20.34 25.27
N ILE B 592 -46.91 19.12 25.68
CA ILE B 592 -47.34 18.05 24.76
C ILE B 592 -48.78 18.21 24.31
N PRO B 593 -49.03 18.24 22.99
CA PRO B 593 -50.41 18.32 22.50
C PRO B 593 -51.11 16.96 22.36
ZN ZN C . 17.24 42.10 -15.70
ZN ZN D . 20.12 20.30 -15.65
ZN ZN E . 28.65 18.27 -6.39
P PO4 F . 14.03 -23.18 -14.48
O1 PO4 F . 13.37 -22.77 -15.90
O2 PO4 F . 15.51 -22.75 -14.51
O3 PO4 F . 13.95 -24.76 -14.22
O4 PO4 F . 13.20 -22.45 -13.32
P PO4 G . 13.23 -19.87 -18.19
O1 PO4 G . 12.95 -21.06 -19.21
O2 PO4 G . 14.71 -19.79 -17.98
O3 PO4 G . 12.74 -18.51 -18.89
O4 PO4 G . 12.43 -20.06 -16.82
C10 JHJ H . -42.02 5.22 6.85
N12 JHJ H . -42.72 6.00 5.95
C13 JHJ H . -43.85 6.76 6.21
C15 JHJ H . -45.77 7.33 7.48
C17 JHJ H . -45.29 8.57 5.65
C01 JHJ H . -36.25 1.73 9.53
C03 JHJ H . -38.32 2.05 8.35
C04 JHJ H . -39.64 1.67 8.21
C05 JHJ H . -40.54 2.50 7.56
C06 JHJ H . -40.10 3.67 6.96
C07 JHJ H . -38.77 4.04 7.09
C08 JHJ H . -37.87 3.23 7.78
C14 JHJ H . -44.68 6.52 7.30
C18 JHJ H . -44.18 7.82 5.37
N09 JHJ H . -40.98 4.52 6.28
N16 JHJ H . -46.10 8.35 6.69
O02 JHJ H . -37.48 1.21 9.04
O11 JHJ H . -42.28 5.18 8.05
ZN ZN I . -1.68 -17.52 25.01
ZN ZN J . 9.19 -13.13 30.08
ZN ZN K . 2.07 -38.66 20.89
P PO4 L . -13.81 23.45 15.83
O1 PO4 L . -12.65 23.00 14.82
O2 PO4 L . -15.04 22.42 15.78
O3 PO4 L . -14.28 24.86 15.44
O4 PO4 L . -13.25 23.50 17.32
P PO4 M . -16.66 19.70 16.96
O1 PO4 M . -15.87 19.65 15.57
O2 PO4 M . -17.53 18.43 17.09
O3 PO4 M . -17.65 20.95 17.12
O4 PO4 M . -15.66 19.64 18.22
#